data_2I62
#
_entry.id   2I62
#
_cell.length_a   47.281
_cell.length_b   158.519
_cell.length_c   72.227
_cell.angle_alpha   90.00
_cell.angle_beta   92.92
_cell.angle_gamma   90.00
#
_symmetry.space_group_name_H-M   'P 1 21 1'
#
loop_
_entity.id
_entity.type
_entity.pdbx_description
1 polymer 'Nicotinamide N-methyltransferase'
2 non-polymer S-ADENOSYL-L-HOMOCYSTEINE
3 water water
#
_entity_poly.entity_id   1
_entity_poly.type   'polypeptide(L)'
_entity_poly.pdbx_seq_one_letter_code
;GMESGFTSKDTYLSHFNPRDYLEKYYSFGSRHCAENEILRHLLKNLFKIFCLGAVKGELLIDIGSGPTIYQLLSACESFT
EIIVSDYTDQNLWELQKWLKKEPGAFDWSPVVTYVCDLEGNRMKGPEKEEKLRRAIKQVLKCDVTQSQPLGGVSLPPADC
LLSTLCLDAACPDLPAYRTALRNLGSLLKPGGFLVMVDALKSSYYMIGEQKFSSLPLGWETVRDAVEEAGYTIEQFEVIS
QNYSSTTSNNEGLFSLVGRKPGRSE
;
_entity_poly.pdbx_strand_id   A,B,C,D
#
# COMPACT_ATOMS: atom_id res chain seq x y z
N PHE A 6 -2.10 -12.33 -8.29
CA PHE A 6 -3.13 -13.38 -8.53
C PHE A 6 -2.66 -14.44 -9.52
N THR A 7 -2.29 -14.04 -10.74
CA THR A 7 -1.78 -14.98 -11.76
C THR A 7 -0.48 -15.70 -11.30
N SER A 8 -0.59 -17.00 -11.04
CA SER A 8 0.55 -17.81 -10.57
C SER A 8 1.63 -17.91 -11.65
N LYS A 9 2.88 -18.06 -11.22
CA LYS A 9 4.00 -18.15 -12.18
C LYS A 9 3.86 -19.35 -13.12
N ASP A 10 3.18 -20.38 -12.66
CA ASP A 10 2.92 -21.55 -13.49
C ASP A 10 1.97 -21.26 -14.65
N THR A 11 1.09 -20.27 -14.48
CA THR A 11 0.15 -19.85 -15.53
C THR A 11 0.91 -19.23 -16.70
N TYR A 12 2.02 -18.57 -16.40
CA TYR A 12 2.90 -18.08 -17.45
C TYR A 12 3.37 -19.23 -18.36
N LEU A 13 3.81 -20.32 -17.75
CA LEU A 13 4.36 -21.46 -18.47
C LEU A 13 3.40 -22.02 -19.52
N SER A 14 2.11 -22.09 -19.18
CA SER A 14 1.11 -22.62 -20.12
C SER A 14 0.38 -21.55 -20.92
N HIS A 15 0.25 -20.35 -20.36
CA HIS A 15 -0.65 -19.37 -20.95
C HIS A 15 -0.01 -18.13 -21.61
N PHE A 16 1.26 -17.86 -21.29
CA PHE A 16 1.96 -16.75 -21.92
C PHE A 16 2.36 -17.09 -23.36
N ASN A 17 1.81 -16.35 -24.31
CA ASN A 17 2.13 -16.54 -25.72
C ASN A 17 3.04 -15.44 -26.25
N PRO A 18 4.35 -15.78 -26.44
CA PRO A 18 5.39 -14.82 -26.80
C PRO A 18 5.01 -14.06 -28.07
N ARG A 19 4.58 -14.80 -29.09
CA ARG A 19 4.29 -14.19 -30.37
C ARG A 19 3.08 -13.27 -30.31
N ASP A 20 2.05 -13.68 -29.55
CA ASP A 20 0.87 -12.83 -29.32
C ASP A 20 1.28 -11.57 -28.58
N TYR A 21 2.15 -11.75 -27.59
CA TYR A 21 2.67 -10.65 -26.78
C TYR A 21 3.44 -9.65 -27.67
N LEU A 22 4.31 -10.16 -28.53
CA LEU A 22 5.12 -9.34 -29.43
C LEU A 22 4.29 -8.58 -30.46
N GLU A 23 3.25 -9.21 -31.00
CA GLU A 23 2.40 -8.56 -31.99
C GLU A 23 1.58 -7.44 -31.37
N LYS A 24 1.03 -7.70 -30.18
CA LYS A 24 0.23 -6.71 -29.46
C LYS A 24 1.09 -5.52 -29.02
N TYR A 25 2.26 -5.79 -28.45
CA TYR A 25 3.02 -4.73 -27.76
C TYR A 25 4.18 -4.11 -28.56
N TYR A 26 4.78 -4.88 -29.47
CA TYR A 26 6.08 -4.53 -30.05
C TYR A 26 6.20 -4.56 -31.57
N SER A 27 5.07 -4.43 -32.28
CA SER A 27 5.06 -4.60 -33.72
C SER A 27 5.31 -3.29 -34.49
N PHE A 28 5.18 -2.14 -33.81
CA PHE A 28 5.26 -0.83 -34.47
C PHE A 28 4.41 -0.79 -35.73
N GLY A 29 3.10 -0.90 -35.57
CA GLY A 29 2.18 -0.91 -36.72
C GLY A 29 1.52 0.44 -36.95
N SER A 30 0.43 0.42 -37.72
CA SER A 30 -0.49 1.55 -37.84
C SER A 30 -1.66 1.34 -36.88
N ARG A 31 -1.88 0.08 -36.51
CA ARG A 31 -2.78 -0.27 -35.43
C ARG A 31 -1.89 -0.47 -34.19
N HIS A 32 -2.51 -0.52 -33.02
CA HIS A 32 -1.78 -0.57 -31.74
C HIS A 32 -1.08 0.74 -31.34
N CYS A 33 -1.66 1.86 -31.76
CA CYS A 33 -1.10 3.19 -31.50
C CYS A 33 -0.66 3.50 -30.05
N ALA A 34 -1.50 3.15 -29.07
CA ALA A 34 -1.19 3.45 -27.66
C ALA A 34 0.04 2.66 -27.20
N GLU A 35 0.13 1.42 -27.68
CA GLU A 35 1.28 0.56 -27.43
C GLU A 35 2.53 1.16 -28.09
N ASN A 36 2.40 1.60 -29.35
CA ASN A 36 3.49 2.22 -30.11
C ASN A 36 4.04 3.47 -29.39
N GLU A 37 3.13 4.28 -28.86
CA GLU A 37 3.50 5.51 -28.15
C GLU A 37 4.25 5.20 -26.83
N ILE A 38 3.78 4.22 -26.08
CA ILE A 38 4.54 3.79 -24.89
C ILE A 38 5.91 3.27 -25.29
N LEU A 39 5.98 2.50 -26.36
CA LEU A 39 7.28 1.94 -26.80
C LEU A 39 8.28 3.05 -27.19
N ARG A 40 7.83 4.00 -27.98
CA ARG A 40 8.67 5.18 -28.29
C ARG A 40 9.18 5.89 -27.04
N HIS A 41 8.32 6.07 -26.05
CA HIS A 41 8.69 6.76 -24.81
C HIS A 41 9.69 5.94 -23.97
N LEU A 42 9.46 4.64 -23.90
CA LEU A 42 10.41 3.71 -23.22
C LEU A 42 11.79 3.76 -23.85
N LEU A 43 11.84 3.74 -25.18
CA LEU A 43 13.11 3.73 -25.92
C LEU A 43 13.86 5.05 -25.70
N LYS A 44 13.14 6.17 -25.74
CA LYS A 44 13.73 7.47 -25.42
C LYS A 44 14.30 7.52 -24.01
N ASN A 45 13.55 7.00 -23.02
CA ASN A 45 14.06 6.97 -21.64
C ASN A 45 15.23 6.05 -21.43
N LEU A 46 15.20 4.89 -22.09
CA LEU A 46 16.32 3.95 -22.02
C LEU A 46 17.54 4.56 -22.71
N PHE A 47 17.34 5.26 -23.82
CA PHE A 47 18.45 5.97 -24.48
C PHE A 47 19.14 6.96 -23.55
N LYS A 48 18.34 7.79 -22.88
CA LYS A 48 18.86 8.74 -21.91
C LYS A 48 19.63 8.01 -20.80
N ILE A 49 19.01 6.97 -20.26
CA ILE A 49 19.62 6.23 -19.15
C ILE A 49 20.98 5.61 -19.47
N PHE A 50 21.07 4.95 -20.62
CA PHE A 50 22.22 4.13 -20.94
C PHE A 50 23.25 4.90 -21.75
N CYS A 51 22.80 5.87 -22.53
CA CYS A 51 23.75 6.61 -23.40
C CYS A 51 24.16 8.00 -22.93
N LEU A 52 23.38 8.62 -22.04
CA LEU A 52 23.63 10.02 -21.71
C LEU A 52 24.19 10.24 -20.31
N GLY A 53 24.52 9.16 -19.62
CA GLY A 53 24.90 9.30 -18.23
C GLY A 53 26.10 8.53 -17.77
N ALA A 54 26.03 8.12 -16.50
CA ALA A 54 27.10 7.35 -15.87
C ALA A 54 26.74 5.85 -15.71
N VAL A 55 25.68 5.40 -16.37
CA VAL A 55 25.27 3.99 -16.32
C VAL A 55 26.02 3.14 -17.34
N LYS A 56 27.17 2.62 -16.91
CA LYS A 56 28.05 1.82 -17.77
C LYS A 56 28.74 0.76 -16.92
N GLY A 57 29.35 -0.23 -17.56
CA GLY A 57 30.10 -1.24 -16.81
C GLY A 57 30.26 -2.41 -17.73
N GLU A 58 30.53 -3.60 -17.15
CA GLU A 58 30.90 -4.74 -17.99
C GLU A 58 29.74 -5.70 -18.19
N LEU A 59 29.14 -6.12 -17.09
CA LEU A 59 28.07 -7.11 -17.11
C LEU A 59 26.72 -6.53 -16.71
N LEU A 60 25.77 -6.57 -17.65
CA LEU A 60 24.38 -6.29 -17.34
C LEU A 60 23.53 -7.58 -17.33
N ILE A 61 22.72 -7.76 -16.29
CA ILE A 61 21.75 -8.87 -16.23
C ILE A 61 20.31 -8.37 -16.37
N ASP A 62 19.68 -8.72 -17.48
CA ASP A 62 18.27 -8.39 -17.74
C ASP A 62 17.41 -9.48 -17.12
N ILE A 63 16.52 -9.06 -16.22
CA ILE A 63 15.65 -9.96 -15.45
C ILE A 63 14.22 -9.87 -15.94
N GLY A 64 13.63 -11.01 -16.29
CA GLY A 64 12.30 -11.02 -16.87
C GLY A 64 12.24 -10.38 -18.23
N SER A 65 13.19 -10.77 -19.08
N SER A 65 13.20 -10.76 -19.08
CA SER A 65 13.34 -10.24 -20.43
CA SER A 65 13.33 -10.20 -20.42
C SER A 65 12.14 -10.51 -21.30
C SER A 65 12.15 -10.53 -21.33
N GLY A 66 11.42 -11.59 -21.00
CA GLY A 66 10.38 -12.08 -21.89
C GLY A 66 11.00 -12.46 -23.23
N PRO A 67 10.25 -12.29 -24.32
CA PRO A 67 10.70 -12.52 -25.67
C PRO A 67 11.22 -11.28 -26.35
N THR A 68 11.58 -10.25 -25.56
CA THR A 68 11.95 -8.94 -26.12
C THR A 68 13.41 -8.52 -25.96
N ILE A 69 13.87 -7.75 -26.93
CA ILE A 69 15.23 -7.19 -26.91
C ILE A 69 15.25 -5.65 -26.99
N TYR A 70 14.07 -4.99 -27.07
CA TYR A 70 14.00 -3.52 -27.19
C TYR A 70 14.74 -2.84 -26.05
N GLN A 71 14.67 -3.45 -24.86
CA GLN A 71 15.26 -2.88 -23.62
C GLN A 71 16.79 -3.00 -23.58
N LEU A 72 17.38 -3.66 -24.57
CA LEU A 72 18.82 -3.88 -24.60
C LEU A 72 19.51 -3.06 -25.70
N LEU A 73 18.72 -2.38 -26.54
CA LEU A 73 19.26 -1.78 -27.74
C LEU A 73 20.23 -0.64 -27.44
N SER A 74 19.88 0.23 -26.50
CA SER A 74 20.80 1.28 -26.04
C SER A 74 21.82 0.74 -25.03
N ALA A 75 21.38 -0.19 -24.17
CA ALA A 75 22.25 -0.79 -23.16
C ALA A 75 23.51 -1.44 -23.73
N CYS A 76 23.39 -2.09 -24.89
CA CYS A 76 24.58 -2.69 -25.50
C CYS A 76 25.68 -1.71 -25.93
N GLU A 77 25.39 -0.41 -25.95
CA GLU A 77 26.42 0.62 -26.26
C GLU A 77 27.25 0.94 -25.02
N SER A 78 26.74 0.50 -23.86
CA SER A 78 27.34 0.78 -22.54
C SER A 78 27.82 -0.44 -21.73
N PHE A 79 27.30 -1.61 -22.09
CA PHE A 79 27.69 -2.87 -21.49
C PHE A 79 28.06 -3.85 -22.59
N THR A 80 29.25 -4.42 -22.45
CA THR A 80 29.78 -5.33 -23.47
C THR A 80 29.37 -6.77 -23.24
N GLU A 81 28.81 -7.04 -22.05
CA GLU A 81 28.27 -8.37 -21.69
C GLU A 81 26.88 -8.26 -21.10
N ILE A 82 25.97 -8.99 -21.72
CA ILE A 82 24.56 -9.00 -21.35
C ILE A 82 24.12 -10.43 -21.12
N ILE A 83 23.37 -10.63 -20.04
CA ILE A 83 22.69 -11.90 -19.77
C ILE A 83 21.19 -11.61 -19.78
N VAL A 84 20.43 -12.40 -20.54
CA VAL A 84 19.00 -12.25 -20.62
C VAL A 84 18.38 -13.43 -19.87
N SER A 85 17.25 -13.21 -19.22
CA SER A 85 16.67 -14.24 -18.37
C SER A 85 15.17 -14.09 -18.23
N ASP A 86 14.48 -15.22 -18.07
CA ASP A 86 13.03 -15.19 -17.93
C ASP A 86 12.53 -16.43 -17.22
N TYR A 87 11.33 -16.34 -16.67
CA TYR A 87 10.77 -17.50 -16.01
C TYR A 87 10.26 -18.52 -17.01
N THR A 88 9.82 -18.04 -18.15
CA THR A 88 9.09 -18.83 -19.12
C THR A 88 10.01 -19.36 -20.20
N ASP A 89 10.18 -20.67 -20.23
CA ASP A 89 10.97 -21.33 -21.27
C ASP A 89 10.62 -20.90 -22.69
N GLN A 90 9.33 -20.72 -23.02
CA GLN A 90 8.99 -20.36 -24.41
C GLN A 90 9.41 -18.94 -24.82
N ASN A 91 9.55 -18.06 -23.82
CA ASN A 91 10.09 -16.73 -24.08
C ASN A 91 11.57 -16.82 -24.40
N LEU A 92 12.29 -17.64 -23.63
CA LEU A 92 13.69 -17.94 -23.93
C LEU A 92 13.90 -18.51 -25.33
N TRP A 93 13.07 -19.47 -25.76
CA TRP A 93 13.20 -19.98 -27.14
C TRP A 93 13.02 -18.84 -28.15
N GLU A 94 12.10 -17.95 -27.85
CA GLU A 94 11.83 -16.84 -28.74
C GLU A 94 13.06 -15.91 -28.82
N LEU A 95 13.71 -15.64 -27.69
CA LEU A 95 14.95 -14.86 -27.70
C LEU A 95 16.06 -15.57 -28.47
N GLN A 96 16.23 -16.87 -28.16
CA GLN A 96 17.22 -17.73 -28.87
C GLN A 96 17.06 -17.71 -30.38
N LYS A 97 15.81 -17.72 -30.86
CA LYS A 97 15.54 -17.60 -32.28
C LYS A 97 16.15 -16.35 -32.87
N TRP A 98 15.88 -15.22 -32.23
CA TRP A 98 16.42 -13.96 -32.68
C TRP A 98 17.94 -13.92 -32.51
N LEU A 99 18.43 -14.35 -31.37
CA LEU A 99 19.88 -14.37 -31.14
C LEU A 99 20.63 -15.10 -32.27
N LYS A 100 20.10 -16.25 -32.68
CA LYS A 100 20.83 -17.13 -33.59
C LYS A 100 20.38 -16.96 -35.05
N LYS A 101 19.51 -15.98 -35.29
CA LYS A 101 19.03 -15.63 -36.63
C LYS A 101 18.31 -16.82 -37.28
N GLU A 102 17.46 -17.48 -36.49
CA GLU A 102 16.65 -18.60 -36.99
C GLU A 102 15.40 -18.11 -37.73
N PRO A 103 14.87 -18.93 -38.67
CA PRO A 103 13.59 -18.59 -39.32
C PRO A 103 12.46 -18.65 -38.29
N GLY A 104 11.55 -17.70 -38.34
CA GLY A 104 10.52 -17.58 -37.32
C GLY A 104 10.86 -16.60 -36.21
N ALA A 105 12.09 -16.10 -36.17
CA ALA A 105 12.46 -15.07 -35.21
C ALA A 105 11.64 -13.83 -35.47
N PHE A 106 11.24 -13.13 -34.40
CA PHE A 106 10.42 -11.94 -34.55
C PHE A 106 11.24 -10.87 -35.26
N ASP A 107 10.57 -10.04 -36.08
CA ASP A 107 11.22 -8.96 -36.78
C ASP A 107 11.24 -7.68 -35.94
N TRP A 108 12.44 -7.34 -35.46
CA TRP A 108 12.69 -6.13 -34.67
C TRP A 108 13.10 -4.91 -35.50
N SER A 109 13.20 -5.10 -36.82
CA SER A 109 13.63 -4.03 -37.76
C SER A 109 13.12 -2.62 -37.43
N PRO A 110 11.78 -2.42 -37.38
CA PRO A 110 11.27 -1.05 -37.12
C PRO A 110 11.67 -0.45 -35.74
N VAL A 111 11.89 -1.29 -34.74
CA VAL A 111 12.34 -0.82 -33.42
C VAL A 111 13.84 -0.49 -33.47
N VAL A 112 14.62 -1.35 -34.13
CA VAL A 112 16.04 -1.11 -34.25
C VAL A 112 16.27 0.24 -34.98
N THR A 113 15.59 0.43 -36.13
CA THR A 113 15.68 1.68 -36.88
C THR A 113 15.35 2.88 -36.00
N TYR A 114 14.31 2.76 -35.19
CA TYR A 114 13.89 3.86 -34.31
C TYR A 114 14.94 4.21 -33.27
N VAL A 115 15.58 3.18 -32.73
CA VAL A 115 16.66 3.41 -31.77
C VAL A 115 17.87 4.03 -32.46
N CYS A 116 18.22 3.53 -33.64
CA CYS A 116 19.34 4.09 -34.39
C CYS A 116 19.12 5.57 -34.66
N ASP A 117 17.87 5.96 -34.95
CA ASP A 117 17.45 7.37 -35.07
C ASP A 117 17.68 8.19 -33.80
N LEU A 118 17.15 7.69 -32.68
CA LEU A 118 17.32 8.33 -31.37
C LEU A 118 18.77 8.64 -31.10
N GLU A 119 19.63 7.74 -31.57
CA GLU A 119 21.07 7.79 -31.34
C GLU A 119 21.85 8.48 -32.46
N GLY A 120 21.16 9.30 -33.25
CA GLY A 120 21.79 10.19 -34.21
C GLY A 120 22.15 9.59 -35.57
N ASN A 121 21.55 8.46 -35.91
CA ASN A 121 21.84 7.76 -37.16
C ASN A 121 23.34 7.65 -37.41
N ARG A 122 24.08 7.32 -36.35
CA ARG A 122 25.54 7.20 -36.39
C ARG A 122 25.95 5.76 -36.74
N MET A 123 24.98 4.84 -36.65
CA MET A 123 25.13 3.47 -37.15
C MET A 123 23.86 3.00 -37.88
N LYS A 124 24.00 1.91 -38.61
CA LYS A 124 22.87 1.30 -39.29
C LYS A 124 22.30 0.17 -38.41
N GLY A 125 21.04 -0.17 -38.66
CA GLY A 125 20.34 -1.23 -37.94
C GLY A 125 21.08 -2.55 -37.76
N PRO A 126 21.59 -3.14 -38.86
CA PRO A 126 22.39 -4.37 -38.77
C PRO A 126 23.64 -4.30 -37.89
N GLU A 127 24.35 -3.17 -37.85
CA GLU A 127 25.52 -3.01 -36.97
C GLU A 127 25.07 -3.09 -35.51
N LYS A 128 23.95 -2.44 -35.22
CA LYS A 128 23.34 -2.45 -33.89
C LYS A 128 22.92 -3.87 -33.46
N GLU A 129 22.19 -4.55 -34.35
CA GLU A 129 21.86 -5.96 -34.16
C GLU A 129 23.03 -6.91 -33.92
N GLU A 130 24.11 -6.74 -34.67
CA GLU A 130 25.30 -7.59 -34.60
C GLU A 130 25.97 -7.38 -33.25
N LYS A 131 25.98 -6.13 -32.79
CA LYS A 131 26.59 -5.74 -31.53
C LYS A 131 25.82 -6.36 -30.36
N LEU A 132 24.50 -6.21 -30.39
CA LEU A 132 23.63 -6.80 -29.37
C LEU A 132 23.71 -8.33 -29.32
N ARG A 133 23.66 -8.96 -30.50
CA ARG A 133 23.81 -10.41 -30.57
C ARG A 133 25.14 -10.91 -29.95
N ARG A 134 26.23 -10.23 -30.26
CA ARG A 134 27.53 -10.66 -29.75
C ARG A 134 27.60 -10.46 -28.23
N ALA A 135 26.96 -9.38 -27.75
CA ALA A 135 26.93 -9.06 -26.32
C ALA A 135 26.19 -10.08 -25.46
N ILE A 136 25.27 -10.85 -26.04
CA ILE A 136 24.42 -11.70 -25.22
C ILE A 136 25.15 -13.01 -24.86
N LYS A 137 25.64 -13.09 -23.63
CA LYS A 137 26.62 -14.13 -23.29
C LYS A 137 25.90 -15.40 -22.85
N GLN A 138 24.79 -15.24 -22.14
CA GLN A 138 23.93 -16.39 -21.75
C GLN A 138 22.44 -16.05 -21.81
N VAL A 139 21.63 -17.08 -22.04
CA VAL A 139 20.16 -16.98 -21.99
C VAL A 139 19.73 -17.94 -20.87
N LEU A 140 19.14 -17.39 -19.81
CA LEU A 140 18.95 -18.16 -18.58
C LEU A 140 17.54 -18.14 -18.02
N LYS A 141 17.15 -19.25 -17.37
CA LYS A 141 15.91 -19.28 -16.58
C LYS A 141 16.13 -18.41 -15.33
N CYS A 142 15.15 -17.59 -14.99
CA CYS A 142 15.22 -16.85 -13.73
C CYS A 142 13.89 -16.95 -13.01
N ASP A 143 13.93 -16.73 -11.69
CA ASP A 143 12.72 -16.63 -10.86
C ASP A 143 12.98 -15.59 -9.78
N VAL A 144 12.34 -14.42 -9.91
CA VAL A 144 12.59 -13.31 -8.99
C VAL A 144 12.20 -13.58 -7.52
N THR A 145 11.29 -14.54 -7.32
CA THR A 145 10.75 -14.91 -6.00
C THR A 145 11.75 -15.70 -5.18
N GLN A 146 12.81 -16.14 -5.85
CA GLN A 146 13.79 -17.06 -5.24
C GLN A 146 15.02 -16.32 -4.74
N SER A 147 15.46 -16.73 -3.54
CA SER A 147 16.64 -16.17 -2.89
C SER A 147 17.87 -16.09 -3.82
N GLN A 148 18.00 -17.07 -4.71
CA GLN A 148 18.98 -17.06 -5.79
C GLN A 148 18.22 -17.06 -7.09
N PRO A 149 18.00 -15.87 -7.66
CA PRO A 149 17.07 -15.74 -8.77
C PRO A 149 17.51 -16.50 -10.01
N LEU A 150 18.81 -16.69 -10.18
CA LEU A 150 19.34 -17.37 -11.36
C LEU A 150 19.66 -18.84 -11.12
N GLY A 151 19.17 -19.38 -10.00
CA GLY A 151 19.37 -20.80 -9.66
C GLY A 151 20.78 -21.15 -9.28
N GLY A 152 21.48 -20.14 -8.76
CA GLY A 152 22.86 -20.28 -8.34
C GLY A 152 23.84 -20.65 -9.45
N VAL A 153 23.47 -20.36 -10.70
CA VAL A 153 24.44 -20.36 -11.83
C VAL A 153 25.59 -19.45 -11.38
N SER A 154 26.82 -19.85 -11.70
CA SER A 154 27.99 -19.20 -11.16
C SER A 154 28.34 -18.01 -12.06
N LEU A 155 28.14 -16.81 -11.51
CA LEU A 155 28.43 -15.57 -12.19
C LEU A 155 29.18 -14.62 -11.29
N PRO A 156 29.94 -13.67 -11.91
CA PRO A 156 30.60 -12.62 -11.15
C PRO A 156 29.52 -11.61 -10.76
N PRO A 157 29.80 -10.78 -9.76
CA PRO A 157 28.82 -9.73 -9.44
C PRO A 157 28.60 -8.84 -10.68
N ALA A 158 27.35 -8.58 -11.01
CA ALA A 158 26.96 -7.74 -12.14
C ALA A 158 27.19 -6.26 -11.86
N ASP A 159 27.44 -5.49 -12.94
CA ASP A 159 27.55 -4.03 -12.86
C ASP A 159 26.18 -3.32 -12.96
N CYS A 160 25.21 -4.01 -13.54
CA CYS A 160 23.87 -3.48 -13.73
C CYS A 160 22.84 -4.60 -13.78
N LEU A 161 21.72 -4.37 -13.12
CA LEU A 161 20.51 -5.19 -13.29
C LEU A 161 19.49 -4.37 -14.03
N LEU A 162 18.87 -4.97 -15.03
CA LEU A 162 17.83 -4.32 -15.76
C LEU A 162 16.55 -5.15 -15.60
N SER A 163 15.43 -4.47 -15.36
CA SER A 163 14.15 -5.18 -15.34
C SER A 163 13.02 -4.32 -15.88
N THR A 164 12.47 -4.71 -17.03
CA THR A 164 11.41 -3.95 -17.69
C THR A 164 10.07 -4.70 -17.70
N LEU A 165 9.06 -4.07 -17.09
CA LEU A 165 7.66 -4.59 -17.10
C LEU A 165 7.56 -6.02 -16.57
N CYS A 166 8.37 -6.32 -15.56
CA CYS A 166 8.44 -7.66 -14.98
C CYS A 166 7.94 -7.70 -13.54
N LEU A 167 8.50 -6.87 -12.67
CA LEU A 167 8.28 -7.04 -11.23
C LEU A 167 6.81 -6.85 -10.82
N ASP A 168 6.13 -5.90 -11.46
CA ASP A 168 4.69 -5.71 -11.21
C ASP A 168 3.90 -6.97 -11.56
N ALA A 169 4.28 -7.63 -12.66
CA ALA A 169 3.63 -8.85 -13.09
C ALA A 169 3.93 -10.02 -12.15
N ALA A 170 5.15 -10.07 -11.61
CA ALA A 170 5.66 -11.23 -10.85
C ALA A 170 5.35 -11.24 -9.36
N CYS A 171 4.81 -10.13 -8.86
CA CYS A 171 4.65 -9.94 -7.41
C CYS A 171 3.20 -9.74 -7.03
N PRO A 172 2.70 -10.54 -6.07
CA PRO A 172 1.29 -10.52 -5.71
C PRO A 172 0.96 -9.36 -4.76
N ASP A 173 1.95 -8.88 -4.01
CA ASP A 173 1.80 -7.77 -3.05
C ASP A 173 3.13 -7.03 -2.78
N LEU A 174 3.08 -5.98 -1.96
CA LEU A 174 4.26 -5.15 -1.76
C LEU A 174 5.41 -5.87 -1.02
N PRO A 175 5.12 -6.64 0.06
CA PRO A 175 6.25 -7.36 0.66
C PRO A 175 6.95 -8.29 -0.35
N ALA A 176 6.19 -8.91 -1.24
CA ALA A 176 6.73 -9.78 -2.30
C ALA A 176 7.61 -8.97 -3.27
N TYR A 177 7.15 -7.75 -3.57
CA TYR A 177 7.89 -6.82 -4.41
C TYR A 177 9.20 -6.45 -3.74
N ARG A 178 9.17 -6.11 -2.45
CA ARG A 178 10.41 -5.74 -1.78
C ARG A 178 11.36 -6.95 -1.75
N THR A 179 10.80 -8.13 -1.52
CA THR A 179 11.61 -9.35 -1.45
C THR A 179 12.29 -9.62 -2.79
N ALA A 180 11.54 -9.51 -3.90
CA ALA A 180 12.10 -9.65 -5.24
C ALA A 180 13.28 -8.70 -5.46
N LEU A 181 13.13 -7.44 -5.03
CA LEU A 181 14.20 -6.45 -5.17
C LEU A 181 15.46 -6.84 -4.38
N ARG A 182 15.26 -7.27 -3.14
CA ARG A 182 16.34 -7.85 -2.32
C ARG A 182 17.01 -9.07 -2.98
N ASN A 183 16.20 -10.01 -3.49
CA ASN A 183 16.75 -11.23 -4.14
C ASN A 183 17.66 -10.82 -5.31
N LEU A 184 17.15 -9.94 -6.16
CA LEU A 184 17.92 -9.36 -7.27
C LEU A 184 19.22 -8.69 -6.82
N GLY A 185 19.15 -7.92 -5.75
CA GLY A 185 20.31 -7.28 -5.16
C GLY A 185 21.49 -8.22 -4.94
N SER A 186 21.21 -9.51 -4.69
CA SER A 186 22.33 -10.46 -4.47
C SER A 186 23.20 -10.67 -5.72
N LEU A 187 22.68 -10.29 -6.87
CA LEU A 187 23.41 -10.51 -8.14
C LEU A 187 24.32 -9.34 -8.47
N LEU A 188 24.10 -8.23 -7.77
CA LEU A 188 24.66 -6.93 -8.12
C LEU A 188 25.85 -6.57 -7.24
N LYS A 189 26.91 -6.05 -7.85
CA LYS A 189 28.05 -5.61 -7.06
C LYS A 189 27.71 -4.37 -6.23
N PRO A 190 28.36 -4.20 -5.07
CA PRO A 190 28.24 -2.91 -4.38
C PRO A 190 28.61 -1.77 -5.33
N GLY A 191 27.83 -0.70 -5.35
CA GLY A 191 28.09 0.35 -6.30
C GLY A 191 27.41 0.15 -7.65
N GLY A 192 26.76 -1.00 -7.80
CA GLY A 192 26.11 -1.40 -9.06
C GLY A 192 24.81 -0.66 -9.29
N PHE A 193 24.31 -0.66 -10.52
CA PHE A 193 23.09 0.05 -10.92
C PHE A 193 21.88 -0.87 -11.06
N LEU A 194 20.71 -0.35 -10.68
CA LEU A 194 19.45 -1.00 -10.90
C LEU A 194 18.65 -0.12 -11.87
N VAL A 195 18.21 -0.67 -12.99
CA VAL A 195 17.45 0.12 -13.92
C VAL A 195 16.14 -0.59 -14.10
N MET A 196 15.04 0.09 -13.79
CA MET A 196 13.71 -0.49 -13.85
C MET A 196 12.70 0.36 -14.61
N VAL A 197 11.81 -0.34 -15.30
CA VAL A 197 10.67 0.26 -15.95
C VAL A 197 9.45 -0.59 -15.56
N ASP A 198 8.35 0.05 -15.23
CA ASP A 198 7.14 -0.75 -15.01
C ASP A 198 5.91 0.16 -15.14
N ALA A 199 4.73 -0.46 -15.17
CA ALA A 199 3.50 0.29 -15.27
C ALA A 199 3.15 0.85 -13.90
N LEU A 200 2.49 2.00 -13.89
CA LEU A 200 1.92 2.54 -12.66
C LEU A 200 0.43 2.24 -12.53
N LYS A 201 0.01 1.93 -11.30
CA LYS A 201 -1.39 1.64 -10.98
C LYS A 201 -2.06 0.72 -12.00
N SER A 202 -1.33 -0.33 -12.37
CA SER A 202 -1.85 -1.33 -13.29
C SER A 202 -2.24 -2.56 -12.51
N SER A 203 -3.46 -3.03 -12.71
CA SER A 203 -3.92 -4.25 -12.04
C SER A 203 -3.98 -5.47 -12.98
N TYR A 204 -3.90 -5.24 -14.30
CA TYR A 204 -3.87 -6.33 -15.27
C TYR A 204 -3.30 -5.87 -16.59
N TYR A 205 -2.84 -6.83 -17.38
CA TYR A 205 -2.60 -6.55 -18.78
C TYR A 205 -3.14 -7.75 -19.59
N MET A 206 -3.56 -7.46 -20.82
CA MET A 206 -4.14 -8.45 -21.70
C MET A 206 -3.17 -8.90 -22.78
N ILE A 207 -3.12 -10.22 -23.01
CA ILE A 207 -2.56 -10.76 -24.25
C ILE A 207 -3.64 -11.50 -25.04
N GLY A 208 -4.19 -10.84 -26.05
CA GLY A 208 -5.39 -11.34 -26.73
C GLY A 208 -6.55 -11.42 -25.74
N GLU A 209 -7.00 -12.64 -25.46
CA GLU A 209 -8.05 -12.88 -24.46
C GLU A 209 -7.48 -13.25 -23.09
N GLN A 210 -6.17 -13.49 -23.05
CA GLN A 210 -5.49 -13.89 -21.82
C GLN A 210 -5.22 -12.69 -20.93
N LYS A 211 -5.77 -12.73 -19.71
CA LYS A 211 -5.58 -11.68 -18.73
C LYS A 211 -4.50 -12.11 -17.76
N PHE A 212 -3.56 -11.20 -17.48
CA PHE A 212 -2.49 -11.45 -16.53
C PHE A 212 -2.56 -10.38 -15.46
N SER A 213 -2.30 -10.76 -14.22
CA SER A 213 -2.41 -9.80 -13.12
C SER A 213 -1.16 -8.91 -13.02
N SER A 214 -1.34 -7.80 -12.29
CA SER A 214 -0.32 -6.78 -12.12
C SER A 214 -0.51 -6.09 -10.78
N LEU A 215 0.60 -5.86 -10.07
CA LEU A 215 0.58 -5.12 -8.81
C LEU A 215 0.45 -3.62 -9.10
N PRO A 216 -0.68 -3.01 -8.68
CA PRO A 216 -0.92 -1.58 -8.89
C PRO A 216 -0.22 -0.72 -7.83
N LEU A 217 0.77 0.04 -8.29
CA LEU A 217 1.61 0.87 -7.45
C LEU A 217 1.68 2.24 -8.07
N GLY A 218 1.68 3.23 -7.20
CA GLY A 218 1.88 4.61 -7.61
C GLY A 218 3.33 4.94 -7.43
N TRP A 219 3.76 6.04 -8.06
CA TRP A 219 5.17 6.41 -8.15
C TRP A 219 5.84 6.59 -6.79
N GLU A 220 5.13 7.23 -5.84
CA GLU A 220 5.67 7.46 -4.47
C GLU A 220 6.01 6.15 -3.78
N THR A 221 5.15 5.16 -4.00
CA THR A 221 5.27 3.82 -3.44
C THR A 221 6.40 3.02 -4.07
N VAL A 222 6.47 3.08 -5.40
CA VAL A 222 7.62 2.52 -6.12
C VAL A 222 8.93 3.06 -5.54
N ARG A 223 9.06 4.39 -5.48
CA ARG A 223 10.27 5.01 -4.95
C ARG A 223 10.60 4.57 -3.50
N ASP A 224 9.59 4.60 -2.64
CA ASP A 224 9.74 4.14 -1.26
C ASP A 224 10.20 2.67 -1.19
N ALA A 225 9.57 1.82 -2.01
CA ALA A 225 9.82 0.38 -1.98
C ALA A 225 11.26 0.09 -2.40
N VAL A 226 11.72 0.76 -3.46
CA VAL A 226 13.10 0.63 -3.94
C VAL A 226 14.10 1.11 -2.85
N GLU A 227 13.86 2.28 -2.27
CA GLU A 227 14.71 2.75 -1.16
C GLU A 227 14.70 1.78 0.03
N GLU A 228 13.52 1.26 0.38
CA GLU A 228 13.37 0.26 1.45
C GLU A 228 13.98 -1.12 1.11
N ALA A 229 14.02 -1.45 -0.19
CA ALA A 229 14.68 -2.68 -0.68
C ALA A 229 16.19 -2.57 -0.66
N GLY A 230 16.68 -1.38 -0.30
CA GLY A 230 18.09 -1.16 -0.08
C GLY A 230 18.86 -0.40 -1.14
N TYR A 231 18.15 0.25 -2.09
CA TYR A 231 18.86 1.03 -3.12
C TYR A 231 18.73 2.54 -2.92
N THR A 232 19.63 3.28 -3.54
CA THR A 232 19.56 4.74 -3.58
C THR A 232 19.03 5.18 -4.97
N ILE A 233 18.10 6.13 -5.03
CA ILE A 233 17.54 6.54 -6.34
C ILE A 233 18.32 7.68 -6.98
N GLU A 234 18.87 7.43 -8.18
CA GLU A 234 19.68 8.40 -8.93
C GLU A 234 18.89 9.14 -10.01
N GLN A 235 17.92 8.46 -10.63
CA GLN A 235 17.09 9.06 -11.68
C GLN A 235 15.69 8.48 -11.55
N PHE A 236 14.67 9.31 -11.76
CA PHE A 236 13.29 8.81 -11.69
C PHE A 236 12.41 9.61 -12.63
N GLU A 237 11.66 8.91 -13.49
CA GLU A 237 10.74 9.54 -14.43
C GLU A 237 9.35 8.90 -14.38
N VAL A 238 8.32 9.74 -14.40
CA VAL A 238 6.95 9.31 -14.60
C VAL A 238 6.55 9.60 -16.05
N ILE A 239 6.09 8.55 -16.75
CA ILE A 239 5.62 8.63 -18.12
C ILE A 239 4.09 8.75 -18.22
N SER A 240 3.60 9.90 -18.67
CA SER A 240 2.16 10.10 -18.84
C SER A 240 1.62 9.42 -20.12
N GLN A 241 1.60 8.09 -20.12
CA GLN A 241 0.99 7.37 -21.24
C GLN A 241 0.28 6.12 -20.74
N ASN A 242 -0.93 5.88 -21.25
CA ASN A 242 -1.66 4.64 -20.93
C ASN A 242 -1.71 3.68 -22.14
N TYR A 243 -1.68 2.39 -21.85
CA TYR A 243 -1.94 1.36 -22.85
C TYR A 243 -3.39 1.51 -23.36
N SER A 244 -3.76 0.72 -24.36
CA SER A 244 -5.12 0.76 -24.91
C SER A 244 -6.11 0.30 -23.85
N SER A 245 -7.35 0.75 -23.96
CA SER A 245 -8.39 0.34 -22.99
C SER A 245 -8.63 -1.17 -23.05
N THR A 246 -8.34 -1.78 -24.19
CA THR A 246 -8.45 -3.22 -24.36
C THR A 246 -7.18 -3.97 -23.91
N THR A 247 -6.18 -3.22 -23.46
CA THR A 247 -4.87 -3.79 -23.11
C THR A 247 -4.59 -3.81 -21.61
N SER A 248 -4.90 -2.70 -20.93
CA SER A 248 -4.47 -2.52 -19.54
C SER A 248 -5.22 -1.37 -18.88
N ASN A 249 -5.18 -1.31 -17.56
CA ASN A 249 -5.77 -0.18 -16.83
C ASN A 249 -4.71 0.66 -16.11
N ASN A 250 -3.50 0.68 -16.65
CA ASN A 250 -2.42 1.47 -16.05
C ASN A 250 -2.72 2.98 -16.09
N GLU A 251 -2.04 3.72 -15.22
CA GLU A 251 -2.08 5.18 -15.20
C GLU A 251 -0.65 5.65 -15.25
N GLY A 252 -0.07 5.59 -16.48
CA GLY A 252 1.32 5.95 -16.72
C GLY A 252 2.29 4.81 -16.49
N LEU A 253 3.57 5.10 -16.63
CA LEU A 253 4.62 4.13 -16.33
C LEU A 253 5.71 4.90 -15.60
N PHE A 254 6.71 4.22 -15.04
CA PHE A 254 7.92 4.90 -14.57
C PHE A 254 9.13 4.25 -15.14
N SER A 255 10.24 5.01 -15.10
CA SER A 255 11.59 4.49 -15.30
C SER A 255 12.42 5.01 -14.15
N LEU A 256 13.32 4.17 -13.65
CA LEU A 256 14.20 4.61 -12.60
C LEU A 256 15.59 4.03 -12.72
N VAL A 257 16.54 4.75 -12.12
CA VAL A 257 17.89 4.24 -11.94
C VAL A 257 18.20 4.31 -10.46
N GLY A 258 18.53 3.16 -9.89
CA GLY A 258 18.94 3.05 -8.51
C GLY A 258 20.38 2.56 -8.42
N ARG A 259 20.95 2.70 -7.25
CA ARG A 259 22.32 2.30 -7.00
C ARG A 259 22.37 1.49 -5.71
N LYS A 260 23.06 0.36 -5.75
CA LYS A 260 23.32 -0.43 -4.56
C LYS A 260 24.44 0.29 -3.81
N PRO A 261 24.31 0.44 -2.47
CA PRO A 261 25.41 1.09 -1.71
C PRO A 261 26.81 0.48 -1.90
N GLY A 262 27.83 1.30 -1.67
CA GLY A 262 29.20 0.80 -1.56
C GLY A 262 29.33 0.00 -0.27
N GLY B 5 -5.73 26.91 -2.17
CA GLY B 5 -6.82 26.46 -1.23
C GLY B 5 -7.61 27.61 -0.60
N PHE B 6 -7.76 27.57 0.73
CA PHE B 6 -8.70 28.45 1.48
C PHE B 6 -8.25 29.89 1.75
N THR B 7 -6.96 30.19 1.53
CA THR B 7 -6.47 31.57 1.48
C THR B 7 -7.18 32.40 0.41
N SER B 8 -7.82 33.50 0.83
CA SER B 8 -8.47 34.40 -0.10
C SER B 8 -7.44 35.28 -0.80
N LYS B 9 -7.75 35.72 -2.01
CA LYS B 9 -6.82 36.58 -2.74
C LYS B 9 -6.52 37.90 -2.01
N ASP B 10 -7.47 38.41 -1.20
CA ASP B 10 -7.21 39.57 -0.36
C ASP B 10 -6.09 39.33 0.64
N THR B 11 -6.02 38.10 1.15
CA THR B 11 -4.94 37.72 2.06
C THR B 11 -3.55 37.84 1.43
N TYR B 12 -3.43 37.55 0.12
CA TYR B 12 -2.21 37.86 -0.63
C TYR B 12 -1.82 39.33 -0.54
N LEU B 13 -2.78 40.21 -0.76
CA LEU B 13 -2.52 41.64 -0.72
C LEU B 13 -2.00 42.09 0.66
N SER B 14 -2.58 41.56 1.72
CA SER B 14 -2.25 42.01 3.08
C SER B 14 -1.16 41.18 3.75
N HIS B 15 -0.83 40.01 3.20
CA HIS B 15 0.19 39.14 3.83
C HIS B 15 1.45 38.74 3.07
N PHE B 16 1.42 38.76 1.74
CA PHE B 16 2.52 38.21 0.93
C PHE B 16 3.65 39.22 0.89
N ASN B 17 4.78 38.85 1.49
CA ASN B 17 5.99 39.68 1.47
C ASN B 17 6.91 39.16 0.37
N PRO B 18 7.08 39.96 -0.71
CA PRO B 18 7.79 39.47 -1.90
C PRO B 18 9.24 39.14 -1.63
N ARG B 19 9.94 40.03 -0.92
CA ARG B 19 11.33 39.85 -0.66
C ARG B 19 11.57 38.62 0.22
N ASP B 20 10.68 38.38 1.18
CA ASP B 20 10.78 37.23 2.08
C ASP B 20 10.53 35.93 1.29
N TYR B 21 9.58 35.98 0.37
CA TYR B 21 9.31 34.83 -0.49
C TYR B 21 10.56 34.46 -1.29
N LEU B 22 11.17 35.48 -1.88
CA LEU B 22 12.36 35.34 -2.70
C LEU B 22 13.52 34.76 -1.89
N GLU B 23 13.75 35.33 -0.71
CA GLU B 23 14.86 34.87 0.17
C GLU B 23 14.72 33.40 0.59
N LYS B 24 13.50 33.01 0.90
CA LYS B 24 13.21 31.64 1.35
C LYS B 24 13.11 30.58 0.25
N TYR B 25 12.68 30.95 -0.95
CA TYR B 25 12.54 29.95 -2.01
C TYR B 25 13.62 29.99 -3.11
N TYR B 26 14.21 31.17 -3.33
CA TYR B 26 15.02 31.43 -4.52
C TYR B 26 16.43 32.02 -4.31
N SER B 27 16.87 32.12 -3.06
CA SER B 27 18.21 32.68 -2.80
C SER B 27 19.33 31.74 -3.28
N PHE B 28 19.02 30.45 -3.41
CA PHE B 28 19.96 29.45 -3.93
C PHE B 28 21.28 29.46 -3.15
N GLY B 29 21.21 29.53 -1.81
CA GLY B 29 22.42 29.64 -0.99
C GLY B 29 22.74 28.38 -0.22
N SER B 30 23.29 28.54 0.98
CA SER B 30 23.65 27.40 1.83
C SER B 30 22.47 26.84 2.61
N ARG B 31 21.51 27.70 2.94
CA ARG B 31 20.35 27.29 3.68
C ARG B 31 19.24 26.89 2.71
N HIS B 32 18.16 26.30 3.20
CA HIS B 32 17.04 25.93 2.30
C HIS B 32 17.49 24.96 1.19
N CYS B 33 18.20 23.90 1.56
CA CYS B 33 18.73 22.97 0.57
C CYS B 33 17.63 22.26 -0.25
N ALA B 34 16.52 21.91 0.39
CA ALA B 34 15.40 21.23 -0.29
C ALA B 34 14.80 22.15 -1.38
N GLU B 35 14.70 23.44 -1.04
CA GLU B 35 14.20 24.46 -1.98
C GLU B 35 15.17 24.60 -3.15
N ASN B 36 16.47 24.65 -2.85
CA ASN B 36 17.50 24.67 -3.90
C ASN B 36 17.38 23.50 -4.82
N GLU B 37 17.14 22.32 -4.25
CA GLU B 37 17.12 21.12 -5.07
C GLU B 37 15.89 21.13 -5.98
N ILE B 38 14.77 21.63 -5.46
CA ILE B 38 13.59 21.78 -6.32
C ILE B 38 13.90 22.77 -7.43
N LEU B 39 14.50 23.89 -7.06
CA LEU B 39 14.88 24.94 -8.05
C LEU B 39 15.79 24.41 -9.17
N ARG B 40 16.81 23.63 -8.81
CA ARG B 40 17.60 22.94 -9.83
C ARG B 40 16.76 22.15 -10.83
N HIS B 41 15.78 21.37 -10.32
CA HIS B 41 14.94 20.56 -11.21
C HIS B 41 13.99 21.41 -12.07
N LEU B 42 13.46 22.46 -11.48
CA LEU B 42 12.58 23.38 -12.19
C LEU B 42 13.34 24.01 -13.36
N LEU B 43 14.57 24.46 -13.09
CA LEU B 43 15.38 25.13 -14.11
C LEU B 43 15.74 24.13 -15.21
N LYS B 44 16.08 22.90 -14.79
CA LYS B 44 16.34 21.82 -15.75
C LYS B 44 15.16 21.52 -16.66
N ASN B 45 13.99 21.38 -16.06
CA ASN B 45 12.76 21.10 -16.84
C ASN B 45 12.36 22.23 -17.78
N LEU B 46 12.54 23.47 -17.31
CA LEU B 46 12.23 24.66 -18.11
C LEU B 46 13.25 24.85 -19.25
N PHE B 47 14.50 24.49 -18.97
CA PHE B 47 15.51 24.47 -20.04
C PHE B 47 15.10 23.53 -21.19
N LYS B 48 14.70 22.29 -20.86
CA LYS B 48 14.20 21.33 -21.83
C LYS B 48 12.93 21.81 -22.56
N ILE B 49 11.97 22.36 -21.82
CA ILE B 49 10.75 22.89 -22.45
C ILE B 49 11.03 24.02 -23.48
N PHE B 50 11.80 25.02 -23.07
CA PHE B 50 11.98 26.23 -23.89
C PHE B 50 13.21 26.29 -24.81
N CYS B 51 14.13 25.33 -24.71
CA CYS B 51 15.35 25.38 -25.53
C CYS B 51 15.50 24.20 -26.50
N LEU B 52 14.86 23.09 -26.17
CA LEU B 52 15.19 21.81 -26.79
C LEU B 52 14.09 21.18 -27.64
N GLY B 53 12.99 21.90 -27.81
CA GLY B 53 11.86 21.34 -28.54
C GLY B 53 11.14 22.38 -29.38
N ALA B 54 9.83 22.21 -29.43
CA ALA B 54 8.96 22.95 -30.35
C ALA B 54 8.34 24.21 -29.74
N VAL B 55 8.61 24.46 -28.46
CA VAL B 55 7.94 25.55 -27.75
C VAL B 55 8.66 26.88 -27.95
N LYS B 56 8.14 27.66 -28.91
CA LYS B 56 8.70 28.96 -29.28
C LYS B 56 7.62 29.82 -29.95
N GLY B 57 7.90 31.10 -30.09
CA GLY B 57 6.98 32.00 -30.78
C GLY B 57 7.26 33.44 -30.45
N GLU B 58 6.26 34.29 -30.72
CA GLU B 58 6.43 35.72 -30.55
C GLU B 58 6.07 36.22 -29.15
N LEU B 59 4.97 35.73 -28.59
CA LEU B 59 4.46 36.30 -27.35
C LEU B 59 4.13 35.24 -26.30
N LEU B 60 4.83 35.33 -25.18
CA LEU B 60 4.53 34.50 -24.03
C LEU B 60 3.92 35.39 -22.96
N ILE B 61 2.81 34.96 -22.38
CA ILE B 61 2.25 35.60 -21.18
C ILE B 61 2.45 34.70 -19.96
N ASP B 62 3.14 35.23 -18.97
CA ASP B 62 3.32 34.51 -17.70
C ASP B 62 2.26 34.97 -16.72
N ILE B 63 1.47 34.00 -16.26
CA ILE B 63 0.37 34.22 -15.32
C ILE B 63 0.79 33.87 -13.91
N GLY B 64 0.67 34.83 -13.00
CA GLY B 64 0.95 34.58 -11.56
C GLY B 64 2.46 34.48 -11.39
N SER B 65 3.18 35.37 -12.08
CA SER B 65 4.64 35.47 -11.99
C SER B 65 5.13 35.66 -10.56
N GLY B 66 4.30 36.22 -9.69
CA GLY B 66 4.80 36.78 -8.41
C GLY B 66 6.04 37.65 -8.62
N PRO B 67 6.98 37.64 -7.67
CA PRO B 67 8.18 38.46 -7.79
C PRO B 67 9.35 37.77 -8.49
N THR B 68 9.06 36.65 -9.17
CA THR B 68 10.13 35.79 -9.67
C THR B 68 10.39 35.92 -11.15
N ILE B 69 11.63 35.66 -11.55
CA ILE B 69 12.00 35.67 -12.97
C ILE B 69 12.63 34.36 -13.44
N TYR B 70 12.89 33.45 -12.49
CA TYR B 70 13.61 32.19 -12.79
C TYR B 70 12.92 31.43 -13.92
N GLN B 71 11.58 31.48 -13.93
CA GLN B 71 10.75 30.72 -14.86
C GLN B 71 10.79 31.29 -16.27
N LEU B 72 11.52 32.38 -16.47
CA LEU B 72 11.51 33.09 -17.73
C LEU B 72 12.89 33.07 -18.38
N LEU B 73 13.90 32.61 -17.64
CA LEU B 73 15.27 32.68 -18.09
C LEU B 73 15.54 31.84 -19.35
N SER B 74 15.08 30.59 -19.37
CA SER B 74 15.11 29.79 -20.62
C SER B 74 14.05 30.25 -21.67
N ALA B 75 12.87 30.67 -21.22
CA ALA B 75 11.80 31.16 -22.12
C ALA B 75 12.23 32.31 -23.03
N CYS B 76 13.10 33.19 -22.53
CA CYS B 76 13.51 34.37 -23.33
C CYS B 76 14.46 34.04 -24.49
N GLU B 77 14.94 32.80 -24.51
CA GLU B 77 15.72 32.28 -25.63
C GLU B 77 14.78 31.94 -26.77
N SER B 78 13.50 31.79 -26.45
CA SER B 78 12.58 31.25 -27.45
C SER B 78 11.39 32.14 -27.78
N PHE B 79 11.16 33.16 -26.94
CA PHE B 79 10.03 34.09 -27.10
C PHE B 79 10.53 35.53 -27.12
N THR B 80 10.15 36.27 -28.17
CA THR B 80 10.65 37.65 -28.38
C THR B 80 10.02 38.64 -27.41
N GLU B 81 8.76 38.37 -27.02
CA GLU B 81 8.02 39.19 -26.05
C GLU B 81 7.44 38.39 -24.89
N ILE B 82 7.70 38.87 -23.69
CA ILE B 82 7.18 38.29 -22.47
C ILE B 82 6.39 39.35 -21.70
N ILE B 83 5.21 38.97 -21.25
CA ILE B 83 4.34 39.81 -20.42
C ILE B 83 4.27 39.04 -19.11
N VAL B 84 4.54 39.73 -18.02
CA VAL B 84 4.51 39.12 -16.71
C VAL B 84 3.28 39.69 -16.00
N SER B 85 2.68 38.90 -15.13
CA SER B 85 1.46 39.36 -14.48
C SER B 85 1.21 38.69 -13.15
N ASP B 86 0.57 39.43 -12.24
CA ASP B 86 0.30 38.86 -10.92
C ASP B 86 -0.91 39.54 -10.29
N TYR B 87 -1.54 38.83 -9.35
CA TYR B 87 -2.63 39.44 -8.61
C TYR B 87 -2.08 40.51 -7.63
N THR B 88 -0.88 40.27 -7.12
CA THR B 88 -0.43 40.98 -5.91
C THR B 88 0.49 42.19 -6.28
N ASP B 89 0.03 43.41 -5.98
CA ASP B 89 0.72 44.64 -6.47
C ASP B 89 2.16 44.68 -6.01
N GLN B 90 2.41 44.30 -4.76
CA GLN B 90 3.77 44.40 -4.26
C GLN B 90 4.71 43.41 -4.97
N ASN B 91 4.14 42.31 -5.45
CA ASN B 91 4.91 41.37 -6.25
C ASN B 91 5.41 42.02 -7.53
N LEU B 92 4.54 42.80 -8.17
CA LEU B 92 4.91 43.51 -9.37
C LEU B 92 5.95 44.60 -9.05
N TRP B 93 5.79 45.26 -7.90
CA TRP B 93 6.78 46.26 -7.46
C TRP B 93 8.16 45.65 -7.29
N GLU B 94 8.21 44.51 -6.62
CA GLU B 94 9.47 43.80 -6.37
C GLU B 94 10.12 43.42 -7.70
N LEU B 95 9.30 42.93 -8.63
CA LEU B 95 9.73 42.56 -9.96
C LEU B 95 10.33 43.74 -10.68
N GLN B 96 9.66 44.89 -10.57
CA GLN B 96 10.19 46.15 -11.13
C GLN B 96 11.56 46.56 -10.62
N LYS B 97 11.85 46.32 -9.35
CA LYS B 97 13.15 46.69 -8.76
C LYS B 97 14.25 45.99 -9.54
N TRP B 98 13.95 44.75 -9.94
CA TRP B 98 14.87 43.98 -10.77
C TRP B 98 14.90 44.45 -12.24
N LEU B 99 13.74 44.54 -12.89
CA LEU B 99 13.69 45.05 -14.27
C LEU B 99 14.44 46.37 -14.40
N LYS B 100 14.27 47.26 -13.42
CA LYS B 100 14.86 48.59 -13.45
C LYS B 100 16.32 48.65 -12.96
N LYS B 101 16.87 47.50 -12.54
CA LYS B 101 18.25 47.42 -12.06
C LYS B 101 18.55 48.31 -10.86
N GLU B 102 17.59 48.44 -9.96
CA GLU B 102 17.74 49.23 -8.74
C GLU B 102 18.67 48.58 -7.70
N PRO B 103 19.51 49.40 -7.01
CA PRO B 103 20.25 48.86 -5.87
C PRO B 103 19.25 48.34 -4.80
N GLY B 104 19.50 47.15 -4.26
CA GLY B 104 18.60 46.53 -3.27
C GLY B 104 17.51 45.65 -3.87
N ALA B 105 17.57 45.45 -5.19
CA ALA B 105 16.80 44.42 -5.89
C ALA B 105 17.38 43.05 -5.54
N PHE B 106 16.60 42.01 -5.81
CA PHE B 106 16.96 40.67 -5.39
C PHE B 106 18.09 40.16 -6.25
N ASP B 107 19.02 39.45 -5.64
CA ASP B 107 20.15 38.96 -6.43
C ASP B 107 19.86 37.60 -7.09
N TRP B 108 19.61 37.64 -8.39
CA TRP B 108 19.29 36.40 -9.13
C TRP B 108 20.52 35.72 -9.73
N SER B 109 21.70 36.21 -9.39
CA SER B 109 22.93 35.76 -10.08
C SER B 109 23.18 34.28 -10.04
N PRO B 110 23.00 33.64 -8.86
CA PRO B 110 23.21 32.20 -8.75
C PRO B 110 22.23 31.43 -9.63
N VAL B 111 20.99 31.91 -9.71
CA VAL B 111 19.98 31.29 -10.58
C VAL B 111 20.32 31.46 -12.06
N VAL B 112 20.74 32.67 -12.44
CA VAL B 112 21.11 32.99 -13.83
C VAL B 112 22.35 32.20 -14.30
N THR B 113 23.35 32.08 -13.43
CA THR B 113 24.55 31.29 -13.73
C THR B 113 24.14 29.85 -13.98
N TYR B 114 23.37 29.27 -13.05
CA TYR B 114 22.88 27.91 -13.23
C TYR B 114 22.27 27.74 -14.63
N VAL B 115 21.37 28.64 -15.01
CA VAL B 115 20.70 28.57 -16.32
C VAL B 115 21.68 28.68 -17.49
N CYS B 116 22.60 29.64 -17.42
CA CYS B 116 23.60 29.82 -18.45
C CYS B 116 24.41 28.53 -18.64
N ASP B 117 24.81 27.92 -17.52
CA ASP B 117 25.51 26.62 -17.52
C ASP B 117 24.72 25.51 -18.21
N LEU B 118 23.43 25.35 -17.85
CA LEU B 118 22.52 24.41 -18.52
C LEU B 118 22.50 24.63 -20.02
N GLU B 119 22.42 25.90 -20.42
CA GLU B 119 22.30 26.28 -21.83
C GLU B 119 23.61 26.16 -22.60
N GLY B 120 24.70 25.89 -21.88
CA GLY B 120 26.00 25.58 -22.50
C GLY B 120 27.06 26.67 -22.48
N ASN B 121 26.87 27.66 -21.60
CA ASN B 121 27.77 28.81 -21.49
C ASN B 121 28.00 29.59 -22.80
N ARG B 122 26.98 29.64 -23.65
CA ARG B 122 26.97 30.55 -24.82
C ARG B 122 26.91 32.02 -24.36
N MET B 123 26.28 32.27 -23.21
CA MET B 123 26.30 33.62 -22.65
C MET B 123 26.70 33.65 -21.18
N LYS B 124 27.00 34.84 -20.69
CA LYS B 124 27.31 35.05 -19.28
C LYS B 124 26.10 35.68 -18.61
N GLY B 125 26.09 35.61 -17.28
CA GLY B 125 25.02 36.18 -16.45
C GLY B 125 24.46 37.51 -16.90
N PRO B 126 25.31 38.57 -16.91
CA PRO B 126 24.94 39.91 -17.38
C PRO B 126 24.22 39.94 -18.72
N GLU B 127 24.69 39.15 -19.69
CA GLU B 127 24.06 39.04 -21.00
C GLU B 127 22.68 38.41 -20.92
N LYS B 128 22.56 37.34 -20.12
CA LYS B 128 21.27 36.65 -19.95
C LYS B 128 20.25 37.59 -19.32
N GLU B 129 20.64 38.24 -18.23
CA GLU B 129 19.77 39.18 -17.54
C GLU B 129 19.31 40.33 -18.45
N GLU B 130 20.23 40.91 -19.19
CA GLU B 130 19.86 41.97 -20.12
C GLU B 130 18.87 41.49 -21.19
N LYS B 131 19.08 40.29 -21.73
CA LYS B 131 18.14 39.68 -22.68
C LYS B 131 16.70 39.53 -22.15
N LEU B 132 16.57 39.04 -20.92
CA LEU B 132 15.25 38.84 -20.32
C LEU B 132 14.61 40.21 -20.05
N ARG B 133 15.42 41.13 -19.54
CA ARG B 133 15.01 42.53 -19.35
C ARG B 133 14.42 43.12 -20.64
N ARG B 134 15.10 42.96 -21.78
CA ARG B 134 14.57 43.54 -23.03
C ARG B 134 13.33 42.82 -23.50
N ALA B 135 13.23 41.51 -23.23
CA ALA B 135 12.04 40.72 -23.59
C ALA B 135 10.77 41.04 -22.78
N ILE B 136 10.92 41.39 -21.50
CA ILE B 136 9.74 41.72 -20.69
C ILE B 136 9.24 43.10 -21.05
N LYS B 137 8.12 43.09 -21.75
CA LYS B 137 7.52 44.29 -22.32
C LYS B 137 6.42 44.92 -21.44
N GLN B 138 5.63 44.11 -20.74
CA GLN B 138 4.58 44.65 -19.86
C GLN B 138 4.52 43.92 -18.50
N VAL B 139 4.11 44.65 -17.46
CA VAL B 139 4.01 44.15 -16.07
C VAL B 139 2.60 44.48 -15.60
N LEU B 140 1.73 43.47 -15.62
CA LEU B 140 0.30 43.66 -15.52
C LEU B 140 -0.34 43.00 -14.36
N LYS B 141 -1.41 43.63 -13.91
CA LYS B 141 -2.33 42.99 -12.97
C LYS B 141 -3.08 41.89 -13.67
N CYS B 142 -3.26 40.77 -12.96
CA CYS B 142 -4.11 39.69 -13.44
C CYS B 142 -4.87 39.03 -12.30
N ASP B 143 -5.95 38.34 -12.65
CA ASP B 143 -6.67 37.54 -11.68
C ASP B 143 -7.18 36.33 -12.45
N VAL B 144 -6.61 35.15 -12.13
CA VAL B 144 -6.98 33.91 -12.84
C VAL B 144 -8.41 33.46 -12.67
N THR B 145 -9.09 33.98 -11.65
CA THR B 145 -10.47 33.65 -11.36
C THR B 145 -11.46 34.47 -12.22
N GLN B 146 -10.96 35.43 -12.99
CA GLN B 146 -11.78 36.30 -13.84
C GLN B 146 -11.81 35.77 -15.25
N SER B 147 -12.99 35.81 -15.89
CA SER B 147 -13.13 35.29 -17.24
C SER B 147 -12.20 36.05 -18.21
N GLN B 148 -11.89 37.30 -17.91
CA GLN B 148 -10.84 38.04 -18.61
C GLN B 148 -9.74 38.35 -17.61
N PRO B 149 -8.78 37.40 -17.46
CA PRO B 149 -7.83 37.48 -16.34
C PRO B 149 -7.01 38.76 -16.31
N LEU B 150 -6.74 39.34 -17.49
CA LEU B 150 -5.96 40.58 -17.55
C LEU B 150 -6.81 41.85 -17.60
N GLY B 151 -8.06 41.74 -17.15
CA GLY B 151 -9.01 42.88 -17.11
C GLY B 151 -9.52 43.32 -18.48
N GLY B 152 -9.37 42.46 -19.49
CA GLY B 152 -9.94 42.72 -20.82
C GLY B 152 -9.16 43.65 -21.73
N VAL B 153 -7.91 43.94 -21.36
CA VAL B 153 -6.98 44.71 -22.20
C VAL B 153 -6.77 44.03 -23.57
N SER B 154 -6.58 44.86 -24.60
CA SER B 154 -6.39 44.38 -25.96
C SER B 154 -4.96 43.92 -26.18
N LEU B 155 -4.75 42.60 -26.15
CA LEU B 155 -3.45 42.05 -26.52
C LEU B 155 -3.65 41.09 -27.66
N PRO B 156 -2.59 40.86 -28.45
CA PRO B 156 -2.69 39.75 -29.38
C PRO B 156 -2.81 38.41 -28.65
N PRO B 157 -3.35 37.39 -29.34
CA PRO B 157 -3.33 36.01 -28.85
C PRO B 157 -1.88 35.56 -28.61
N ALA B 158 -1.66 35.00 -27.43
CA ALA B 158 -0.34 34.59 -27.01
C ALA B 158 -0.03 33.28 -27.70
N ASP B 159 1.25 33.12 -28.01
CA ASP B 159 1.75 31.89 -28.61
C ASP B 159 2.06 30.88 -27.51
N CYS B 160 2.23 31.38 -26.28
CA CYS B 160 2.43 30.53 -25.11
C CYS B 160 1.88 31.21 -23.85
N LEU B 161 1.16 30.44 -23.06
CA LEU B 161 0.75 30.85 -21.71
C LEU B 161 1.57 30.02 -20.74
N LEU B 162 2.32 30.69 -19.88
CA LEU B 162 3.16 30.04 -18.86
C LEU B 162 2.52 30.30 -17.51
N SER B 163 2.48 29.31 -16.64
CA SER B 163 2.08 29.57 -15.26
C SER B 163 2.80 28.63 -14.32
N THR B 164 3.61 29.20 -13.42
CA THR B 164 4.41 28.38 -12.49
C THR B 164 3.97 28.60 -11.05
N LEU B 165 3.58 27.50 -10.38
CA LEU B 165 3.26 27.54 -8.95
C LEU B 165 2.17 28.57 -8.56
N CYS B 166 1.22 28.77 -9.46
CA CYS B 166 0.12 29.73 -9.26
C CYS B 166 -1.26 29.09 -9.04
N LEU B 167 -1.67 28.19 -9.94
CA LEU B 167 -3.05 27.77 -9.97
C LEU B 167 -3.45 27.01 -8.72
N ASP B 168 -2.55 26.14 -8.25
CA ASP B 168 -2.78 25.43 -6.98
C ASP B 168 -3.07 26.36 -5.83
N ALA B 169 -2.36 27.49 -5.79
CA ALA B 169 -2.51 28.44 -4.71
C ALA B 169 -3.77 29.28 -4.85
N ALA B 170 -4.17 29.53 -6.10
CA ALA B 170 -5.25 30.47 -6.43
C ALA B 170 -6.63 29.80 -6.46
N CYS B 171 -6.67 28.47 -6.35
CA CYS B 171 -7.95 27.74 -6.53
C CYS B 171 -8.34 26.91 -5.31
N PRO B 172 -9.51 27.18 -4.71
CA PRO B 172 -9.96 26.41 -3.52
C PRO B 172 -10.32 24.92 -3.73
N ASP B 173 -10.68 24.55 -4.95
CA ASP B 173 -11.14 23.19 -5.21
C ASP B 173 -10.99 22.89 -6.69
N LEU B 174 -11.19 21.63 -7.05
CA LEU B 174 -11.03 21.21 -8.43
C LEU B 174 -11.94 21.94 -9.44
N PRO B 175 -13.27 22.11 -9.13
CA PRO B 175 -14.09 22.99 -10.02
C PRO B 175 -13.47 24.36 -10.28
N ALA B 176 -12.94 25.02 -9.25
CA ALA B 176 -12.28 26.32 -9.44
C ALA B 176 -11.03 26.20 -10.33
N TYR B 177 -10.24 25.14 -10.13
CA TYR B 177 -9.05 24.87 -10.95
C TYR B 177 -9.41 24.70 -12.43
N ARG B 178 -10.45 23.90 -12.71
CA ARG B 178 -10.96 23.79 -14.06
C ARG B 178 -11.32 25.18 -14.61
N THR B 179 -12.00 25.98 -13.80
CA THR B 179 -12.50 27.30 -14.22
C THR B 179 -11.33 28.22 -14.56
N ALA B 180 -10.31 28.21 -13.68
CA ALA B 180 -9.07 28.95 -13.91
C ALA B 180 -8.41 28.56 -15.22
N LEU B 181 -8.33 27.26 -15.50
CA LEU B 181 -7.74 26.79 -16.76
C LEU B 181 -8.57 27.32 -17.93
N ARG B 182 -9.89 27.30 -17.78
CA ARG B 182 -10.82 27.79 -18.83
C ARG B 182 -10.55 29.28 -19.07
N ASN B 183 -10.44 30.06 -17.98
CA ASN B 183 -10.18 31.51 -18.06
C ASN B 183 -8.88 31.89 -18.80
N LEU B 184 -7.81 31.16 -18.52
CA LEU B 184 -6.52 31.46 -19.10
C LEU B 184 -6.44 31.16 -20.58
N GLY B 185 -7.18 30.12 -21.00
CA GLY B 185 -7.26 29.74 -22.40
C GLY B 185 -7.80 30.85 -23.28
N SER B 186 -8.53 31.80 -22.69
CA SER B 186 -9.02 32.97 -23.45
C SER B 186 -7.87 33.86 -23.96
N LEU B 187 -6.67 33.69 -23.41
CA LEU B 187 -5.49 34.50 -23.75
C LEU B 187 -4.58 33.87 -24.79
N LEU B 188 -4.83 32.59 -25.09
CA LEU B 188 -3.93 31.74 -25.84
C LEU B 188 -4.48 31.47 -27.23
N LYS B 189 -3.63 31.66 -28.25
CA LYS B 189 -3.99 31.36 -29.63
C LYS B 189 -4.35 29.87 -29.85
N PRO B 190 -5.37 29.60 -30.68
CA PRO B 190 -5.50 28.22 -31.16
C PRO B 190 -4.17 27.72 -31.75
N GLY B 191 -3.78 26.48 -31.39
CA GLY B 191 -2.49 25.95 -31.80
C GLY B 191 -1.32 26.31 -30.88
N GLY B 192 -1.62 27.07 -29.83
CA GLY B 192 -0.55 27.59 -28.96
C GLY B 192 -0.26 26.60 -27.84
N PHE B 193 0.70 26.96 -26.98
CA PHE B 193 1.16 26.09 -25.89
C PHE B 193 0.81 26.62 -24.52
N LEU B 194 0.25 25.72 -23.69
CA LEU B 194 0.16 25.97 -22.27
C LEU B 194 1.33 25.28 -21.56
N VAL B 195 2.10 26.05 -20.80
CA VAL B 195 3.21 25.47 -20.01
C VAL B 195 2.91 25.74 -18.52
N MET B 196 2.89 24.67 -17.74
CA MET B 196 2.42 24.76 -16.39
C MET B 196 3.35 23.96 -15.49
N VAL B 197 3.59 24.53 -14.32
CA VAL B 197 4.42 23.94 -13.28
C VAL B 197 3.63 24.13 -11.98
N ASP B 198 3.52 23.09 -11.16
CA ASP B 198 2.89 23.26 -9.87
C ASP B 198 3.28 22.14 -8.95
N ALA B 199 3.00 22.32 -7.67
CA ALA B 199 3.32 21.30 -6.69
C ALA B 199 2.27 20.21 -6.78
N LEU B 200 2.66 18.99 -6.41
CA LEU B 200 1.73 17.88 -6.36
C LEU B 200 1.36 17.60 -4.91
N LYS B 201 0.07 17.27 -4.69
CA LYS B 201 -0.49 16.88 -3.37
C LYS B 201 -0.12 17.84 -2.23
N SER B 202 -0.09 19.12 -2.54
CA SER B 202 0.33 20.14 -1.60
C SER B 202 -0.90 20.86 -1.10
N SER B 203 -0.99 21.06 0.20
CA SER B 203 -2.15 21.75 0.78
C SER B 203 -1.79 23.11 1.41
N TYR B 204 -0.49 23.39 1.52
CA TYR B 204 -0.05 24.72 1.94
C TYR B 204 1.39 24.94 1.61
N TYR B 205 1.79 26.21 1.64
CA TYR B 205 3.20 26.58 1.61
C TYR B 205 3.38 27.77 2.58
N MET B 206 4.57 27.88 3.14
CA MET B 206 4.85 28.93 4.12
C MET B 206 5.79 29.98 3.57
N ILE B 207 5.64 31.21 4.06
CA ILE B 207 6.64 32.27 3.93
C ILE B 207 6.96 32.77 5.35
N GLY B 208 7.98 32.18 5.96
CA GLY B 208 8.15 32.32 7.39
C GLY B 208 6.94 31.77 8.10
N GLU B 209 6.28 32.62 8.87
CA GLU B 209 5.14 32.25 9.66
C GLU B 209 3.80 32.37 8.91
N GLN B 210 3.82 33.03 7.74
CA GLN B 210 2.63 33.19 6.92
C GLN B 210 2.33 31.91 6.17
N LYS B 211 1.14 31.37 6.35
CA LYS B 211 0.74 30.12 5.71
C LYS B 211 -0.22 30.46 4.59
N PHE B 212 -0.03 29.84 3.44
CA PHE B 212 -0.88 30.12 2.26
C PHE B 212 -1.41 28.78 1.78
N SER B 213 -2.69 28.70 1.42
CA SER B 213 -3.24 27.39 1.08
C SER B 213 -2.83 26.97 -0.32
N SER B 214 -2.99 25.69 -0.55
CA SER B 214 -2.77 25.09 -1.83
C SER B 214 -3.77 23.97 -2.01
N LEU B 215 -4.15 23.73 -3.28
CA LEU B 215 -5.04 22.66 -3.66
C LEU B 215 -4.25 21.37 -3.90
N PRO B 216 -4.47 20.33 -3.07
CA PRO B 216 -3.64 19.15 -3.27
C PRO B 216 -4.13 18.29 -4.43
N LEU B 217 -3.32 18.18 -5.48
CA LEU B 217 -3.70 17.39 -6.66
C LEU B 217 -2.61 16.40 -6.99
N GLY B 218 -3.00 15.17 -7.30
CA GLY B 218 -2.07 14.20 -7.86
C GLY B 218 -1.88 14.40 -9.34
N TRP B 219 -0.83 13.77 -9.90
CA TRP B 219 -0.47 14.08 -11.28
C TRP B 219 -1.55 13.66 -12.26
N GLU B 220 -2.23 12.55 -11.98
CA GLU B 220 -3.33 12.08 -12.85
C GLU B 220 -4.50 13.06 -12.91
N THR B 221 -4.78 13.72 -11.79
CA THR B 221 -5.89 14.68 -11.68
C THR B 221 -5.56 15.92 -12.52
N VAL B 222 -4.30 16.32 -12.49
CA VAL B 222 -3.80 17.42 -13.31
C VAL B 222 -3.81 17.05 -14.80
N ARG B 223 -3.24 15.90 -15.15
CA ARG B 223 -3.36 15.38 -16.51
C ARG B 223 -4.84 15.46 -17.02
N ASP B 224 -5.76 14.86 -16.26
CA ASP B 224 -7.17 14.83 -16.66
C ASP B 224 -7.77 16.24 -16.81
N ALA B 225 -7.48 17.13 -15.88
CA ALA B 225 -7.99 18.52 -15.95
C ALA B 225 -7.49 19.21 -17.21
N VAL B 226 -6.18 19.08 -17.47
CA VAL B 226 -5.61 19.71 -18.66
C VAL B 226 -6.21 19.10 -19.93
N GLU B 227 -6.32 17.77 -19.94
CA GLU B 227 -6.92 17.07 -21.09
C GLU B 227 -8.39 17.46 -21.25
N GLU B 228 -9.12 17.54 -20.13
CA GLU B 228 -10.54 17.90 -20.20
C GLU B 228 -10.74 19.35 -20.69
N ALA B 229 -9.75 20.21 -20.46
CA ALA B 229 -9.79 21.58 -20.98
C ALA B 229 -9.41 21.67 -22.48
N GLY B 230 -9.19 20.53 -23.13
CA GLY B 230 -8.90 20.49 -24.56
C GLY B 230 -7.48 20.27 -25.02
N TYR B 231 -6.52 20.25 -24.09
CA TYR B 231 -5.13 20.28 -24.52
C TYR B 231 -4.61 18.88 -24.79
N THR B 232 -3.85 18.75 -25.87
CA THR B 232 -3.00 17.56 -26.04
C THR B 232 -1.71 17.74 -25.22
N ILE B 233 -1.51 16.88 -24.22
CA ILE B 233 -0.28 16.85 -23.43
C ILE B 233 0.90 16.33 -24.26
N GLU B 234 1.79 17.24 -24.61
CA GLU B 234 2.94 16.91 -25.43
C GLU B 234 4.16 16.51 -24.60
N GLN B 235 4.24 17.04 -23.39
CA GLN B 235 5.33 16.71 -22.45
C GLN B 235 4.73 16.73 -21.06
N PHE B 236 5.23 15.86 -20.17
CA PHE B 236 4.74 15.80 -18.80
C PHE B 236 5.86 15.17 -17.99
N GLU B 237 6.33 15.91 -17.02
CA GLU B 237 7.36 15.42 -16.10
C GLU B 237 6.88 15.51 -14.67
N VAL B 238 7.27 14.53 -13.86
CA VAL B 238 7.18 14.62 -12.42
C VAL B 238 8.58 14.86 -11.83
N ILE B 239 8.67 15.90 -11.00
CA ILE B 239 9.84 16.18 -10.21
C ILE B 239 9.64 15.51 -8.88
N SER B 240 10.43 14.47 -8.64
CA SER B 240 10.23 13.72 -7.39
C SER B 240 11.06 14.29 -6.22
N GLN B 241 10.74 15.52 -5.80
CA GLN B 241 11.47 16.22 -4.77
C GLN B 241 10.47 16.95 -3.90
N ASN B 242 10.72 17.04 -2.59
CA ASN B 242 9.83 17.79 -1.71
C ASN B 242 10.51 19.02 -1.14
N TYR B 243 9.74 20.08 -0.91
CA TYR B 243 10.22 21.22 -0.14
C TYR B 243 10.51 20.75 1.29
N SER B 244 11.27 21.56 2.02
CA SER B 244 11.47 21.36 3.47
C SER B 244 10.11 21.22 4.19
N SER B 245 10.08 20.38 5.22
CA SER B 245 8.86 20.20 5.98
C SER B 245 8.35 21.52 6.58
N THR B 246 9.25 22.47 6.86
CA THR B 246 8.81 23.78 7.40
C THR B 246 8.28 24.74 6.31
N THR B 247 8.36 24.25 5.07
CA THR B 247 8.04 25.05 3.90
C THR B 247 6.72 24.61 3.26
N SER B 248 6.59 23.32 2.94
CA SER B 248 5.37 22.86 2.25
C SER B 248 5.24 21.36 2.33
N ASN B 249 4.00 20.89 2.30
CA ASN B 249 3.76 19.46 2.41
C ASN B 249 3.51 18.77 1.05
N ASN B 250 4.07 19.33 -0.01
CA ASN B 250 4.00 18.69 -1.37
C ASN B 250 4.58 17.26 -1.43
N GLU B 251 4.12 16.47 -2.39
CA GLU B 251 4.82 15.22 -2.71
C GLU B 251 5.23 15.27 -4.17
N GLY B 252 6.40 15.85 -4.41
CA GLY B 252 6.83 16.22 -5.76
C GLY B 252 6.12 17.40 -6.40
N LEU B 253 6.49 17.67 -7.65
CA LEU B 253 5.88 18.74 -8.49
C LEU B 253 5.71 18.15 -9.88
N PHE B 254 5.05 18.89 -10.79
CA PHE B 254 4.96 18.48 -12.20
C PHE B 254 5.33 19.67 -13.09
N SER B 255 5.76 19.36 -14.29
CA SER B 255 5.88 20.36 -15.37
C SER B 255 5.23 19.74 -16.59
N LEU B 256 4.45 20.54 -17.33
CA LEU B 256 3.81 20.00 -18.52
C LEU B 256 3.72 21.01 -19.65
N VAL B 257 3.59 20.48 -20.88
CA VAL B 257 3.37 21.28 -22.08
C VAL B 257 2.08 20.75 -22.72
N GLY B 258 1.09 21.64 -22.87
CA GLY B 258 -0.19 21.25 -23.47
C GLY B 258 -0.34 21.99 -24.79
N ARG B 259 -0.73 21.31 -25.85
CA ARG B 259 -1.04 21.99 -27.11
C ARG B 259 -2.54 22.31 -27.22
N LYS B 260 -2.85 23.58 -27.43
CA LYS B 260 -4.23 24.01 -27.65
C LYS B 260 -4.71 23.56 -29.05
N PRO B 261 -5.94 23.03 -29.15
CA PRO B 261 -6.49 22.69 -30.48
C PRO B 261 -6.50 23.87 -31.44
N GLY B 262 -6.36 23.54 -32.72
CA GLY B 262 -6.34 24.55 -33.78
C GLY B 262 -7.67 25.19 -34.13
N ARG B 263 -8.76 24.70 -33.56
CA ARG B 263 -10.09 25.18 -33.92
C ARG B 263 -10.36 26.58 -33.37
N SER B 264 -11.21 27.33 -34.08
CA SER B 264 -11.58 28.69 -33.67
C SER B 264 -12.57 28.62 -32.49
N GLU B 265 -12.68 29.73 -31.75
CA GLU B 265 -13.48 29.75 -30.52
C GLU B 265 -14.56 30.84 -30.53
N GLY C 5 -28.10 9.35 30.62
CA GLY C 5 -27.03 8.30 30.55
C GLY C 5 -26.03 8.56 29.42
N PHE C 6 -26.54 8.59 28.19
CA PHE C 6 -25.69 8.75 27.01
C PHE C 6 -24.98 10.10 27.06
N THR C 7 -23.66 10.11 26.85
CA THR C 7 -22.86 11.36 26.78
C THR C 7 -23.18 12.14 25.50
N SER C 8 -23.55 13.41 25.66
CA SER C 8 -23.91 14.25 24.52
C SER C 8 -22.67 14.85 23.88
N LYS C 9 -22.80 15.26 22.62
CA LYS C 9 -21.75 15.99 21.88
C LYS C 9 -21.21 17.16 22.67
N ASP C 10 -22.11 17.97 23.23
CA ASP C 10 -21.74 19.15 24.01
C ASP C 10 -20.79 18.82 25.14
N THR C 11 -20.95 17.64 25.72
CA THR C 11 -20.09 17.19 26.82
C THR C 11 -18.66 16.87 26.35
N TYR C 12 -18.50 16.44 25.09
CA TYR C 12 -17.15 16.31 24.54
C TYR C 12 -16.47 17.65 24.48
N LEU C 13 -17.23 18.64 24.01
CA LEU C 13 -16.70 19.98 23.79
C LEU C 13 -16.16 20.62 25.07
N SER C 14 -16.86 20.47 26.19
CA SER C 14 -16.44 21.04 27.46
C SER C 14 -15.56 20.14 28.34
N HIS C 15 -15.68 18.82 28.18
CA HIS C 15 -15.11 17.87 29.14
C HIS C 15 -14.02 16.88 28.68
N PHE C 16 -13.83 16.74 27.36
CA PHE C 16 -12.81 15.82 26.81
C PHE C 16 -11.43 16.45 26.87
N ASN C 17 -10.61 16.02 27.81
CA ASN C 17 -9.25 16.53 27.91
C ASN C 17 -8.29 15.69 27.08
N PRO C 18 -7.79 16.26 25.96
CA PRO C 18 -6.93 15.52 25.03
C PRO C 18 -5.63 15.09 25.69
N ARG C 19 -5.04 15.99 26.47
CA ARG C 19 -3.75 15.70 27.04
C ARG C 19 -3.84 14.55 28.05
N ASP C 20 -4.90 14.55 28.85
CA ASP C 20 -5.21 13.49 29.78
C ASP C 20 -5.46 12.14 29.08
N TYR C 21 -6.22 12.19 27.98
CA TYR C 21 -6.51 11.01 27.16
C TYR C 21 -5.21 10.36 26.65
N LEU C 22 -4.39 11.15 25.99
CA LEU C 22 -3.07 10.69 25.54
C LEU C 22 -2.25 10.08 26.69
N GLU C 23 -2.16 10.77 27.82
CA GLU C 23 -1.36 10.24 28.95
C GLU C 23 -1.85 8.86 29.37
N LYS C 24 -3.16 8.70 29.47
CA LYS C 24 -3.74 7.47 30.01
C LYS C 24 -3.64 6.28 29.05
N TYR C 25 -3.93 6.53 27.77
CA TYR C 25 -4.04 5.45 26.76
C TYR C 25 -2.83 5.25 25.87
N TYR C 26 -2.03 6.32 25.66
CA TYR C 26 -1.06 6.34 24.56
C TYR C 26 0.40 6.68 24.91
N SER C 27 0.73 6.70 26.20
CA SER C 27 2.10 7.05 26.60
C SER C 27 3.11 5.91 26.40
N PHE C 28 2.62 4.67 26.37
CA PHE C 28 3.44 3.54 25.95
C PHE C 28 4.75 3.50 26.73
N GLY C 29 4.66 3.70 28.04
CA GLY C 29 5.83 3.78 28.90
C GLY C 29 5.84 2.65 29.89
N SER C 30 5.66 2.99 31.17
CA SER C 30 5.80 2.01 32.27
C SER C 30 4.62 1.90 33.25
N ARG C 31 3.67 2.83 33.15
CA ARG C 31 2.39 2.63 33.82
C ARG C 31 1.35 2.18 32.79
N HIS C 32 0.11 2.01 33.24
CA HIS C 32 -1.01 1.55 32.40
C HIS C 32 -0.64 0.37 31.50
N CYS C 33 -0.26 -0.75 32.10
CA CYS C 33 0.19 -1.90 31.30
C CYS C 33 -0.90 -2.46 30.37
N ALA C 34 -2.15 -2.47 30.87
CA ALA C 34 -3.29 -2.99 30.09
C ALA C 34 -3.50 -2.10 28.86
N GLU C 35 -3.41 -0.80 29.05
CA GLU C 35 -3.51 0.14 27.93
C GLU C 35 -2.39 -0.09 26.91
N ASN C 36 -1.18 -0.39 27.40
CA ASN C 36 -0.02 -0.63 26.53
C ASN C 36 -0.17 -1.90 25.69
N GLU C 37 -0.64 -2.98 26.32
CA GLU C 37 -0.88 -4.25 25.64
C GLU C 37 -1.92 -4.12 24.52
N ILE C 38 -2.98 -3.39 24.80
CA ILE C 38 -4.00 -3.09 23.78
C ILE C 38 -3.37 -2.28 22.63
N LEU C 39 -2.58 -1.27 23.00
CA LEU C 39 -1.93 -0.46 21.98
C LEU C 39 -1.00 -1.31 21.10
N ARG C 40 -0.17 -2.19 21.69
CA ARG C 40 0.68 -3.08 20.88
C ARG C 40 -0.18 -3.90 19.92
N HIS C 41 -1.30 -4.43 20.41
CA HIS C 41 -2.18 -5.25 19.54
C HIS C 41 -2.84 -4.45 18.39
N LEU C 42 -3.31 -3.24 18.71
CA LEU C 42 -3.83 -2.31 17.69
C LEU C 42 -2.80 -2.02 16.60
N LEU C 43 -1.54 -1.77 17.00
CA LEU C 43 -0.46 -1.47 16.03
C LEU C 43 -0.16 -2.69 15.19
N LYS C 44 -0.10 -3.87 15.81
CA LYS C 44 0.04 -5.11 15.05
C LYS C 44 -1.05 -5.26 13.97
N ASN C 45 -2.30 -5.05 14.38
CA ASN C 45 -3.48 -5.28 13.48
C ASN C 45 -3.55 -4.26 12.35
N LEU C 46 -3.19 -3.01 12.66
CA LEU C 46 -3.12 -1.94 11.66
C LEU C 46 -2.00 -2.14 10.64
N PHE C 47 -0.85 -2.65 11.12
CA PHE C 47 0.24 -3.07 10.26
C PHE C 47 -0.25 -4.12 9.24
N LYS C 48 -0.90 -5.16 9.76
CA LYS C 48 -1.43 -6.21 8.90
C LYS C 48 -2.45 -5.61 7.92
N ILE C 49 -3.37 -4.80 8.45
CA ILE C 49 -4.39 -4.22 7.59
C ILE C 49 -3.79 -3.40 6.44
N PHE C 50 -2.86 -2.50 6.78
CA PHE C 50 -2.38 -1.52 5.80
C PHE C 50 -1.11 -1.92 5.06
N CYS C 51 -0.37 -2.89 5.59
CA CYS C 51 0.91 -3.26 4.94
C CYS C 51 0.94 -4.62 4.26
N LEU C 52 0.08 -5.52 4.68
CA LEU C 52 0.13 -6.91 4.21
C LEU C 52 -0.96 -7.23 3.23
N GLY C 53 -1.72 -6.24 2.81
CA GLY C 53 -2.85 -6.51 1.90
C GLY C 53 -2.84 -5.65 0.67
N ALA C 54 -4.02 -5.41 0.12
CA ALA C 54 -4.17 -4.46 -0.99
C ALA C 54 -5.00 -3.26 -0.58
N VAL C 55 -4.94 -2.91 0.71
CA VAL C 55 -5.63 -1.71 1.22
C VAL C 55 -4.70 -0.51 0.95
N LYS C 56 -4.95 0.13 -0.18
CA LYS C 56 -4.14 1.26 -0.64
C LYS C 56 -4.97 2.19 -1.52
N GLY C 57 -4.37 3.30 -1.94
CA GLY C 57 -5.07 4.32 -2.70
C GLY C 57 -4.54 5.69 -2.40
N GLU C 58 -5.24 6.70 -2.86
CA GLU C 58 -4.71 8.03 -2.77
C GLU C 58 -5.12 8.71 -1.48
N LEU C 59 -6.42 8.69 -1.19
CA LEU C 59 -7.00 9.49 -0.14
C LEU C 59 -7.60 8.61 0.95
N LEU C 60 -7.14 8.85 2.18
CA LEU C 60 -7.67 8.23 3.38
C LEU C 60 -8.24 9.33 4.23
N ILE C 61 -9.49 9.13 4.67
CA ILE C 61 -10.12 10.03 5.64
C ILE C 61 -10.34 9.31 6.95
N ASP C 62 -9.76 9.86 8.00
CA ASP C 62 -9.91 9.35 9.38
C ASP C 62 -11.00 10.15 10.10
N ILE C 63 -12.04 9.46 10.53
CA ILE C 63 -13.14 10.05 11.31
C ILE C 63 -13.06 9.76 12.81
N GLY C 64 -13.21 10.79 13.63
CA GLY C 64 -13.09 10.67 15.09
C GLY C 64 -11.67 10.35 15.47
N SER C 65 -10.74 11.08 14.87
CA SER C 65 -9.31 10.87 15.07
C SER C 65 -8.87 11.17 16.49
N GLY C 66 -9.71 11.91 17.23
CA GLY C 66 -9.31 12.45 18.51
C GLY C 66 -8.00 13.20 18.38
N PRO C 67 -7.18 13.19 19.45
CA PRO C 67 -5.85 13.79 19.42
C PRO C 67 -4.73 12.83 18.99
N THR C 68 -5.07 11.66 18.44
CA THR C 68 -4.09 10.58 18.25
C THR C 68 -3.67 10.41 16.79
N ILE C 69 -2.43 9.93 16.60
CA ILE C 69 -1.91 9.64 15.26
C ILE C 69 -1.45 8.20 15.06
N TYR C 70 -1.56 7.37 16.12
CA TYR C 70 -1.04 6.00 16.07
C TYR C 70 -1.77 5.22 14.98
N GLN C 71 -3.04 5.53 14.78
CA GLN C 71 -3.88 4.83 13.82
C GLN C 71 -3.51 5.09 12.37
N LEU C 72 -2.58 6.04 12.16
CA LEU C 72 -2.13 6.50 10.83
C LEU C 72 -0.71 6.11 10.47
N LEU C 73 0.03 5.58 11.43
CA LEU C 73 1.43 5.24 11.20
C LEU C 73 1.71 4.24 10.10
N SER C 74 0.96 3.13 10.06
CA SER C 74 1.14 2.17 8.95
C SER C 74 0.35 2.65 7.71
N ALA C 75 -0.83 3.23 7.93
CA ALA C 75 -1.64 3.80 6.81
C ALA C 75 -0.83 4.74 5.88
N CYS C 76 0.05 5.54 6.45
CA CYS C 76 0.76 6.51 5.62
C CYS C 76 1.78 5.86 4.65
N GLU C 77 2.02 4.56 4.78
CA GLU C 77 2.87 3.87 3.82
C GLU C 77 2.04 3.54 2.56
N SER C 78 0.72 3.56 2.72
CA SER C 78 -0.21 3.10 1.69
C SER C 78 -1.07 4.22 1.13
N PHE C 79 -1.17 5.32 1.86
CA PHE C 79 -2.00 6.45 1.42
C PHE C 79 -1.18 7.75 1.45
N THR C 80 -1.05 8.38 0.28
CA THR C 80 -0.28 9.63 0.16
C THR C 80 -1.04 10.86 0.65
N GLU C 81 -2.37 10.77 0.73
CA GLU C 81 -3.14 11.86 1.31
C GLU C 81 -4.05 11.38 2.43
N ILE C 82 -3.91 12.04 3.58
CA ILE C 82 -4.69 11.75 4.79
C ILE C 82 -5.40 12.98 5.32
N ILE C 83 -6.68 12.83 5.61
CA ILE C 83 -7.45 13.86 6.28
C ILE C 83 -7.82 13.37 7.67
N VAL C 84 -7.51 14.17 8.69
CA VAL C 84 -7.88 13.77 10.04
C VAL C 84 -9.01 14.65 10.47
N SER C 85 -9.91 14.12 11.30
CA SER C 85 -11.12 14.86 11.60
C SER C 85 -11.66 14.42 12.95
N ASP C 86 -12.30 15.36 13.65
CA ASP C 86 -12.87 15.06 14.96
C ASP C 86 -13.97 16.06 15.30
N TYR C 87 -14.85 15.68 16.23
CA TYR C 87 -15.92 16.59 16.58
C TYR C 87 -15.40 17.69 17.50
N THR C 88 -14.42 17.32 18.29
CA THR C 88 -13.94 18.08 19.44
C THR C 88 -12.80 18.98 19.00
N ASP C 89 -13.02 20.29 19.07
CA ASP C 89 -12.05 21.29 18.65
C ASP C 89 -10.66 21.19 19.33
N GLN C 90 -10.66 20.92 20.64
CA GLN C 90 -9.41 20.87 21.40
C GLN C 90 -8.55 19.66 20.99
N ASN C 91 -9.21 18.62 20.47
CA ASN C 91 -8.50 17.48 19.88
C ASN C 91 -7.79 17.86 18.62
N LEU C 92 -8.44 18.63 17.77
CA LEU C 92 -7.82 19.10 16.54
C LEU C 92 -6.59 19.98 16.85
N TRP C 93 -6.70 20.83 17.85
CA TRP C 93 -5.57 21.66 18.32
C TRP C 93 -4.37 20.83 18.79
N GLU C 94 -4.65 19.80 19.61
CA GLU C 94 -3.63 18.87 20.08
C GLU C 94 -2.95 18.17 18.90
N LEU C 95 -3.77 17.74 17.93
CA LEU C 95 -3.32 17.11 16.69
C LEU C 95 -2.35 18.04 15.95
N GLN C 96 -2.73 19.32 15.80
CA GLN C 96 -1.90 20.31 15.08
C GLN C 96 -0.58 20.65 15.75
N LYS C 97 -0.55 20.58 17.08
CA LYS C 97 0.69 20.79 17.85
C LYS C 97 1.73 19.79 17.43
N TRP C 98 1.30 18.53 17.29
CA TRP C 98 2.23 17.49 16.89
C TRP C 98 2.58 17.64 15.43
N LEU C 99 1.57 17.90 14.60
CA LEU C 99 1.79 18.00 13.17
C LEU C 99 2.85 19.06 12.86
N LYS C 100 2.77 20.18 13.58
CA LYS C 100 3.65 21.34 13.36
C LYS C 100 4.87 21.38 14.28
N LYS C 101 5.11 20.29 15.02
CA LYS C 101 6.23 20.17 15.97
C LYS C 101 6.28 21.33 16.94
N GLU C 102 5.13 21.74 17.45
CA GLU C 102 5.06 22.81 18.41
C GLU C 102 5.44 22.32 19.79
N PRO C 103 6.02 23.20 20.61
CA PRO C 103 6.42 22.81 21.95
C PRO C 103 5.23 22.25 22.74
N GLY C 104 5.49 21.22 23.52
CA GLY C 104 4.41 20.63 24.28
C GLY C 104 3.49 19.70 23.49
N ALA C 105 3.81 19.42 22.22
CA ALA C 105 3.11 18.34 21.49
C ALA C 105 3.46 17.00 22.14
N PHE C 106 2.53 16.05 22.05
CA PHE C 106 2.73 14.73 22.61
C PHE C 106 3.92 14.00 21.99
N ASP C 107 4.64 13.25 22.82
CA ASP C 107 5.78 12.51 22.32
C ASP C 107 5.29 11.13 21.88
N TRP C 108 5.08 10.98 20.58
CA TRP C 108 4.71 9.68 19.98
C TRP C 108 5.91 8.75 19.74
N SER C 109 7.10 9.18 20.11
CA SER C 109 8.32 8.39 19.82
C SER C 109 8.27 6.87 20.05
N PRO C 110 7.89 6.42 21.27
CA PRO C 110 7.90 4.96 21.55
C PRO C 110 6.95 4.20 20.60
N VAL C 111 5.83 4.83 20.25
CA VAL C 111 4.83 4.27 19.34
C VAL C 111 5.35 4.21 17.88
N VAL C 112 6.00 5.29 17.44
CA VAL C 112 6.58 5.37 16.10
C VAL C 112 7.66 4.30 15.93
N THR C 113 8.53 4.16 16.93
CA THR C 113 9.62 3.17 16.85
C THR C 113 9.07 1.75 16.76
N TYR C 114 8.04 1.49 17.55
CA TYR C 114 7.40 0.16 17.59
C TYR C 114 6.84 -0.22 16.23
N VAL C 115 6.14 0.73 15.60
CA VAL C 115 5.62 0.51 14.25
C VAL C 115 6.71 0.33 13.20
N CYS C 116 7.77 1.14 13.25
CA CYS C 116 8.88 0.95 12.32
C CYS C 116 9.44 -0.47 12.42
N ASP C 117 9.56 -0.97 13.65
CA ASP C 117 10.10 -2.31 13.88
C ASP C 117 9.14 -3.39 13.34
N LEU C 118 7.85 -3.23 13.63
CA LEU C 118 6.81 -4.11 13.04
C LEU C 118 6.95 -4.18 11.54
N GLU C 119 7.15 -3.02 10.95
CA GLU C 119 7.27 -2.94 9.51
C GLU C 119 8.58 -3.50 8.98
N GLY C 120 9.57 -3.72 9.87
CA GLY C 120 10.92 -4.16 9.46
C GLY C 120 12.19 -3.43 9.99
N ASN C 121 12.06 -2.14 10.36
CA ASN C 121 13.19 -1.21 10.77
C ASN C 121 14.62 -1.79 10.70
N ARG C 122 15.33 -1.53 9.59
CA ARG C 122 14.85 -0.74 8.41
C ARG C 122 14.57 0.76 8.67
N MET C 123 13.33 1.20 8.45
CA MET C 123 12.98 2.62 8.54
C MET C 123 13.08 3.07 9.98
N LYS C 124 13.58 4.28 10.18
CA LYS C 124 13.72 4.84 11.49
C LYS C 124 12.55 5.80 11.72
N GLY C 125 12.32 6.12 12.98
CA GLY C 125 11.26 7.02 13.39
C GLY C 125 11.19 8.38 12.67
N PRO C 126 12.34 9.08 12.52
CA PRO C 126 12.35 10.41 11.85
C PRO C 126 11.72 10.39 10.45
N GLU C 127 12.12 9.42 9.63
CA GLU C 127 11.54 9.23 8.31
C GLU C 127 10.03 8.98 8.34
N LYS C 128 9.59 8.07 9.23
CA LYS C 128 8.17 7.78 9.42
C LYS C 128 7.35 9.02 9.81
N GLU C 129 7.84 9.75 10.81
CA GLU C 129 7.19 10.97 11.26
C GLU C 129 7.08 12.02 10.16
N GLU C 130 8.15 12.23 9.42
CA GLU C 130 8.05 13.23 8.38
C GLU C 130 7.09 12.78 7.29
N LYS C 131 7.06 11.49 7.01
CA LYS C 131 6.18 10.94 5.97
C LYS C 131 4.70 11.15 6.37
N LEU C 132 4.40 10.81 7.62
CA LEU C 132 3.05 11.04 8.15
C LEU C 132 2.65 12.52 8.19
N ARG C 133 3.54 13.35 8.75
CA ARG C 133 3.29 14.79 8.86
C ARG C 133 2.98 15.38 7.49
N ARG C 134 3.78 15.03 6.50
CA ARG C 134 3.58 15.45 5.10
C ARG C 134 2.25 14.95 4.53
N ALA C 135 1.88 13.71 4.87
CA ALA C 135 0.61 13.10 4.37
C ALA C 135 -0.67 13.81 4.81
N ILE C 136 -0.65 14.46 5.97
CA ILE C 136 -1.90 14.97 6.55
C ILE C 136 -2.19 16.29 5.87
N LYS C 137 -3.22 16.31 5.02
CA LYS C 137 -3.42 17.48 4.16
C LYS C 137 -4.41 18.48 4.79
N GLN C 138 -5.34 17.96 5.57
CA GLN C 138 -6.35 18.79 6.23
C GLN C 138 -6.63 18.24 7.61
N VAL C 139 -7.01 19.13 8.51
CA VAL C 139 -7.40 18.78 9.88
C VAL C 139 -8.75 19.44 10.06
N LEU C 140 -9.80 18.63 10.11
CA LEU C 140 -11.17 19.15 9.93
C LEU C 140 -12.12 18.77 11.06
N LYS C 141 -13.15 19.60 11.26
CA LYS C 141 -14.27 19.24 12.14
C LYS C 141 -15.16 18.17 11.48
N CYS C 142 -15.61 17.19 12.26
CA CYS C 142 -16.56 16.21 11.74
C CYS C 142 -17.65 15.86 12.75
N ASP C 143 -18.79 15.39 12.26
CA ASP C 143 -19.85 14.90 13.13
C ASP C 143 -20.40 13.69 12.42
N VAL C 144 -20.09 12.51 12.94
CA VAL C 144 -20.51 11.25 12.30
C VAL C 144 -22.03 11.04 12.28
N THR C 145 -22.74 11.79 13.12
CA THR C 145 -24.19 11.67 13.24
C THR C 145 -24.88 12.43 12.09
N GLN C 146 -24.11 13.20 11.34
CA GLN C 146 -24.65 14.00 10.22
C GLN C 146 -24.56 13.30 8.87
N SER C 147 -25.56 13.51 8.00
CA SER C 147 -25.56 12.82 6.72
C SER C 147 -24.27 13.14 5.91
N GLN C 148 -23.77 14.35 6.11
CA GLN C 148 -22.47 14.78 5.59
C GLN C 148 -21.53 15.08 6.78
N PRO C 149 -20.75 14.07 7.21
CA PRO C 149 -19.92 14.17 8.43
C PRO C 149 -18.93 15.34 8.43
N LEU C 150 -18.46 15.70 7.24
CA LEU C 150 -17.52 16.82 7.11
C LEU C 150 -18.23 18.13 6.74
N GLY C 151 -19.54 18.15 6.95
CA GLY C 151 -20.37 19.34 6.73
C GLY C 151 -20.21 19.97 5.37
N GLY C 152 -20.25 19.17 4.32
CA GLY C 152 -20.15 19.67 2.95
C GLY C 152 -18.88 20.43 2.56
N VAL C 153 -17.78 20.25 3.31
CA VAL C 153 -16.47 20.66 2.77
C VAL C 153 -16.26 19.84 1.50
N SER C 154 -15.67 20.47 0.49
CA SER C 154 -15.52 19.82 -0.81
C SER C 154 -14.26 18.97 -0.82
N LEU C 155 -14.47 17.66 -0.88
CA LEU C 155 -13.42 16.66 -0.99
C LEU C 155 -13.85 15.64 -1.99
N PRO C 156 -12.90 15.07 -2.75
CA PRO C 156 -13.18 13.92 -3.58
C PRO C 156 -13.58 12.71 -2.71
N PRO C 157 -14.29 11.74 -3.30
CA PRO C 157 -14.50 10.46 -2.65
C PRO C 157 -13.18 9.81 -2.24
N ALA C 158 -13.14 9.27 -1.03
CA ALA C 158 -11.94 8.71 -0.44
C ALA C 158 -11.78 7.27 -0.88
N ASP C 159 -10.55 6.81 -0.93
CA ASP C 159 -10.26 5.41 -1.21
C ASP C 159 -10.34 4.55 0.04
N CYS C 160 -10.16 5.19 1.20
CA CYS C 160 -10.28 4.54 2.48
C CYS C 160 -10.93 5.44 3.54
N LEU C 161 -11.90 4.91 4.27
CA LEU C 161 -12.46 5.62 5.42
C LEU C 161 -12.00 4.82 6.62
N LEU C 162 -11.33 5.50 7.55
CA LEU C 162 -10.82 4.90 8.77
C LEU C 162 -11.52 5.51 9.96
N SER C 163 -11.81 4.67 10.95
CA SER C 163 -12.39 5.18 12.20
C SER C 163 -12.00 4.26 13.33
N THR C 164 -11.34 4.82 14.33
CA THR C 164 -10.83 4.02 15.44
C THR C 164 -11.40 4.55 16.76
N LEU C 165 -12.09 3.66 17.48
CA LEU C 165 -12.62 3.99 18.80
C LEU C 165 -13.54 5.22 18.84
N CYS C 166 -14.35 5.36 17.81
CA CYS C 166 -15.20 6.54 17.69
C CYS C 166 -16.67 6.24 17.68
N LEU C 167 -17.12 5.33 16.81
CA LEU C 167 -18.56 5.08 16.63
C LEU C 167 -19.30 4.69 17.93
N ASP C 168 -18.71 3.78 18.72
CA ASP C 168 -19.36 3.40 19.97
C ASP C 168 -19.54 4.53 20.99
N ALA C 169 -18.60 5.45 21.02
CA ALA C 169 -18.74 6.60 21.88
C ALA C 169 -19.77 7.57 21.29
N ALA C 170 -19.89 7.62 19.98
CA ALA C 170 -20.68 8.67 19.34
C ALA C 170 -22.16 8.32 19.22
N CYS C 171 -22.48 7.04 19.41
CA CYS C 171 -23.82 6.51 19.10
C CYS C 171 -24.51 5.97 20.35
N PRO C 172 -25.71 6.48 20.65
CA PRO C 172 -26.49 6.07 21.83
C PRO C 172 -27.17 4.69 21.76
N ASP C 173 -27.44 4.21 20.54
CA ASP C 173 -28.15 2.96 20.33
C ASP C 173 -27.75 2.36 19.00
N LEU C 174 -28.14 1.10 18.78
CA LEU C 174 -27.75 0.38 17.58
C LEU C 174 -28.33 1.06 16.33
N PRO C 175 -29.62 1.49 16.35
CA PRO C 175 -30.09 2.26 15.19
C PRO C 175 -29.20 3.48 14.84
N ALA C 176 -28.71 4.22 15.84
CA ALA C 176 -27.86 5.37 15.56
C ALA C 176 -26.53 4.92 14.97
N TYR C 177 -26.01 3.78 15.43
CA TYR C 177 -24.78 3.19 14.90
C TYR C 177 -24.89 2.87 13.42
N ARG C 178 -26.01 2.25 13.04
CA ARG C 178 -26.27 1.86 11.65
C ARG C 178 -26.30 3.11 10.77
N THR C 179 -26.99 4.15 11.24
CA THR C 179 -26.99 5.43 10.53
C THR C 179 -25.57 6.04 10.44
N ALA C 180 -24.79 5.98 11.54
CA ALA C 180 -23.41 6.51 11.52
C ALA C 180 -22.55 5.81 10.48
N LEU C 181 -22.74 4.50 10.33
CA LEU C 181 -22.04 3.69 9.32
C LEU C 181 -22.34 4.20 7.91
N ARG C 182 -23.63 4.44 7.65
CA ARG C 182 -24.10 4.94 6.34
C ARG C 182 -23.49 6.32 6.09
N ASN C 183 -23.46 7.14 7.14
CA ASN C 183 -22.84 8.46 7.08
C ASN C 183 -21.35 8.41 6.70
N LEU C 184 -20.58 7.52 7.34
CA LEU C 184 -19.18 7.20 6.91
C LEU C 184 -19.09 6.80 5.44
N GLY C 185 -19.93 5.85 5.03
CA GLY C 185 -19.94 5.33 3.64
C GLY C 185 -20.21 6.39 2.58
N SER C 186 -20.80 7.51 2.97
CA SER C 186 -21.15 8.53 1.99
C SER C 186 -19.87 9.24 1.50
N LEU C 187 -18.79 9.15 2.28
CA LEU C 187 -17.50 9.77 1.94
C LEU C 187 -16.57 8.84 1.15
N LEU C 188 -17.00 7.60 0.99
CA LEU C 188 -16.22 6.52 0.46
C LEU C 188 -16.62 6.21 -0.97
N LYS C 189 -15.60 6.08 -1.80
CA LYS C 189 -15.75 5.70 -3.18
C LYS C 189 -16.21 4.23 -3.34
N PRO C 190 -17.11 3.98 -4.30
CA PRO C 190 -17.39 2.59 -4.63
C PRO C 190 -16.11 1.81 -4.85
N GLY C 191 -16.04 0.60 -4.31
CA GLY C 191 -14.81 -0.22 -4.39
C GLY C 191 -13.75 0.08 -3.34
N GLY C 192 -14.00 1.12 -2.55
CA GLY C 192 -13.06 1.55 -1.50
C GLY C 192 -13.19 0.73 -0.23
N PHE C 193 -12.33 1.04 0.73
CA PHE C 193 -12.21 0.26 1.96
C PHE C 193 -12.68 1.02 3.19
N LEU C 194 -13.36 0.30 4.08
CA LEU C 194 -13.75 0.80 5.38
C LEU C 194 -12.85 0.05 6.36
N VAL C 195 -12.08 0.78 7.14
CA VAL C 195 -11.21 0.18 8.16
C VAL C 195 -11.72 0.69 9.49
N MET C 196 -12.11 -0.20 10.39
CA MET C 196 -12.74 0.23 11.62
C MET C 196 -12.17 -0.53 12.82
N VAL C 197 -12.03 0.19 13.94
CA VAL C 197 -11.60 -0.41 15.22
C VAL C 197 -12.54 0.15 16.26
N ASP C 198 -13.00 -0.71 17.17
CA ASP C 198 -13.70 -0.22 18.35
C ASP C 198 -13.56 -1.18 19.50
N ALA C 199 -13.95 -0.73 20.69
CA ALA C 199 -13.99 -1.61 21.87
C ALA C 199 -15.22 -2.51 21.75
N LEU C 200 -15.13 -3.72 22.29
CA LEU C 200 -16.32 -4.58 22.36
C LEU C 200 -16.96 -4.57 23.76
N LYS C 201 -18.30 -4.52 23.78
CA LYS C 201 -19.09 -4.56 25.01
C LYS C 201 -18.71 -3.49 26.05
N SER C 202 -18.12 -2.38 25.59
CA SER C 202 -17.85 -1.22 26.45
C SER C 202 -19.11 -0.37 26.61
N SER C 203 -19.54 -0.13 27.85
CA SER C 203 -20.58 0.83 28.12
C SER C 203 -20.05 2.17 28.66
N TYR C 204 -18.75 2.25 28.91
CA TYR C 204 -18.12 3.51 29.29
C TYR C 204 -16.61 3.42 29.18
N TYR C 205 -15.97 4.57 29.11
CA TYR C 205 -14.53 4.65 29.28
C TYR C 205 -14.23 5.93 30.06
N MET C 206 -13.10 5.93 30.75
CA MET C 206 -12.74 6.97 31.69
C MET C 206 -11.54 7.76 31.19
N ILE C 207 -11.58 9.08 31.40
CA ILE C 207 -10.38 9.92 31.28
C ILE C 207 -10.25 10.59 32.64
N GLY C 208 -9.44 9.98 33.49
CA GLY C 208 -9.32 10.40 34.87
C GLY C 208 -10.61 10.08 35.57
N GLU C 209 -11.25 11.11 36.10
CA GLU C 209 -12.55 10.99 36.76
C GLU C 209 -13.74 11.23 35.82
N GLN C 210 -13.46 11.73 34.62
CA GLN C 210 -14.50 11.93 33.59
C GLN C 210 -14.92 10.60 32.99
N LYS C 211 -16.21 10.30 33.11
CA LYS C 211 -16.82 9.13 32.49
C LYS C 211 -17.49 9.54 31.19
N PHE C 212 -17.19 8.80 30.12
CA PHE C 212 -17.84 8.96 28.83
C PHE C 212 -18.55 7.67 28.51
N SER C 213 -19.75 7.78 27.96
CA SER C 213 -20.57 6.63 27.59
C SER C 213 -19.99 5.87 26.39
N SER C 214 -20.28 4.58 26.31
CA SER C 214 -19.98 3.78 25.13
C SER C 214 -21.15 2.82 24.88
N LEU C 215 -21.38 2.53 23.61
CA LEU C 215 -22.39 1.58 23.18
C LEU C 215 -21.75 0.19 23.18
N PRO C 216 -22.23 -0.70 24.08
CA PRO C 216 -21.60 -2.00 24.32
C PRO C 216 -21.93 -3.12 23.29
N LEU C 217 -21.70 -2.86 22.01
CA LEU C 217 -21.91 -3.90 20.99
C LEU C 217 -20.87 -5.06 21.05
N GLY C 218 -21.38 -6.28 20.86
CA GLY C 218 -20.54 -7.47 20.67
C GLY C 218 -20.09 -7.61 19.22
N TRP C 219 -19.14 -8.51 18.99
CA TRP C 219 -18.47 -8.58 17.69
C TRP C 219 -19.39 -9.04 16.59
N GLU C 220 -20.33 -9.94 16.92
CA GLU C 220 -21.28 -10.44 15.91
C GLU C 220 -22.20 -9.31 15.43
N THR C 221 -22.60 -8.47 16.37
CA THR C 221 -23.44 -7.29 16.07
C THR C 221 -22.71 -6.34 15.11
N VAL C 222 -21.43 -6.07 15.38
CA VAL C 222 -20.63 -5.23 14.48
C VAL C 222 -20.47 -5.89 13.11
N ARG C 223 -20.02 -7.15 13.09
CA ARG C 223 -19.92 -7.92 11.85
C ARG C 223 -21.23 -7.82 11.05
N ASP C 224 -22.38 -8.08 11.69
CA ASP C 224 -23.65 -8.08 10.98
C ASP C 224 -24.03 -6.69 10.47
N ALA C 225 -23.75 -5.67 11.26
CA ALA C 225 -24.11 -4.30 10.87
C ALA C 225 -23.32 -3.88 9.62
N VAL C 226 -22.04 -4.23 9.59
CA VAL C 226 -21.17 -3.90 8.47
C VAL C 226 -21.64 -4.65 7.21
N GLU C 227 -21.96 -5.93 7.36
CA GLU C 227 -22.49 -6.72 6.24
C GLU C 227 -23.80 -6.16 5.71
N GLU C 228 -24.71 -5.82 6.63
CA GLU C 228 -26.04 -5.32 6.30
C GLU C 228 -25.97 -3.95 5.62
N ALA C 229 -24.94 -3.17 5.99
CA ALA C 229 -24.61 -1.89 5.32
C ALA C 229 -24.05 -2.08 3.88
N GLY C 230 -23.88 -3.33 3.46
CA GLY C 230 -23.45 -3.64 2.08
C GLY C 230 -21.98 -3.96 1.82
N TYR C 231 -21.16 -3.91 2.88
CA TYR C 231 -19.74 -4.20 2.70
C TYR C 231 -19.49 -5.67 2.64
N THR C 232 -18.51 -6.06 1.83
CA THR C 232 -17.92 -7.38 1.96
C THR C 232 -16.84 -7.28 3.02
N ILE C 233 -16.92 -8.11 4.07
CA ILE C 233 -15.87 -8.13 5.10
C ILE C 233 -14.66 -8.93 4.62
N GLU C 234 -13.57 -8.22 4.42
CA GLU C 234 -12.33 -8.82 3.96
C GLU C 234 -11.50 -9.38 5.12
N GLN C 235 -11.63 -8.77 6.29
CA GLN C 235 -10.84 -9.18 7.47
C GLN C 235 -11.64 -8.74 8.68
N PHE C 236 -11.58 -9.51 9.76
CA PHE C 236 -12.24 -9.15 11.00
C PHE C 236 -11.51 -9.89 12.12
N GLU C 237 -10.98 -9.16 13.08
CA GLU C 237 -10.18 -9.76 14.14
C GLU C 237 -10.70 -9.26 15.45
N VAL C 238 -10.70 -10.13 16.47
CA VAL C 238 -10.95 -9.72 17.84
C VAL C 238 -9.60 -9.63 18.58
N ILE C 239 -9.41 -8.52 19.27
CA ILE C 239 -8.28 -8.31 20.15
C ILE C 239 -8.78 -8.66 21.55
N SER C 240 -8.25 -9.74 22.12
CA SER C 240 -8.85 -10.32 23.32
C SER C 240 -8.25 -9.76 24.61
N GLN C 241 -7.87 -8.49 24.61
CA GLN C 241 -7.32 -7.85 25.82
C GLN C 241 -8.28 -6.81 26.32
N ASN C 242 -8.34 -6.63 27.63
CA ASN C 242 -9.18 -5.59 28.23
C ASN C 242 -8.37 -4.42 28.75
N TYR C 243 -8.99 -3.23 28.74
CA TYR C 243 -8.41 -2.05 29.39
C TYR C 243 -8.34 -2.28 30.90
N SER C 244 -7.62 -1.41 31.62
CA SER C 244 -7.48 -1.50 33.09
C SER C 244 -8.85 -1.41 33.77
N SER C 245 -8.97 -1.97 34.97
CA SER C 245 -10.24 -1.96 35.72
C SER C 245 -10.78 -0.54 35.91
N THR C 246 -9.86 0.41 35.99
CA THR C 246 -10.16 1.81 36.21
C THR C 246 -10.41 2.60 34.91
N THR C 247 -10.25 1.92 33.77
CA THR C 247 -10.39 2.55 32.45
C THR C 247 -11.73 2.31 31.78
N SER C 248 -12.14 1.03 31.67
CA SER C 248 -13.34 0.64 30.93
C SER C 248 -13.80 -0.73 31.40
N ASN C 249 -15.00 -1.11 30.96
CA ASN C 249 -15.54 -2.44 31.18
C ASN C 249 -15.64 -3.27 29.89
N ASN C 250 -14.71 -3.04 28.96
CA ASN C 250 -14.72 -3.74 27.68
C ASN C 250 -14.40 -5.22 27.79
N GLU C 251 -14.87 -5.98 26.81
CA GLU C 251 -14.42 -7.38 26.63
C GLU C 251 -13.74 -7.47 25.26
N GLY C 252 -12.46 -7.09 25.26
CA GLY C 252 -11.69 -6.98 24.01
C GLY C 252 -12.09 -5.82 23.09
N LEU C 253 -11.51 -5.81 21.89
CA LEU C 253 -11.86 -4.86 20.84
C LEU C 253 -11.96 -5.62 19.52
N PHE C 254 -12.32 -4.93 18.43
CA PHE C 254 -12.19 -5.53 17.10
C PHE C 254 -11.45 -4.59 16.14
N SER C 255 -10.91 -5.19 15.08
CA SER C 255 -10.51 -4.47 13.89
C SER C 255 -11.11 -5.17 12.69
N LEU C 256 -11.55 -4.39 11.70
CA LEU C 256 -12.09 -4.97 10.49
C LEU C 256 -11.79 -4.14 9.24
N VAL C 257 -11.87 -4.80 8.11
CA VAL C 257 -11.76 -4.19 6.80
C VAL C 257 -12.98 -4.65 6.02
N GLY C 258 -13.70 -3.68 5.48
CA GLY C 258 -14.88 -3.95 4.67
C GLY C 258 -14.63 -3.33 3.32
N ARG C 259 -15.16 -3.95 2.28
CA ARG C 259 -15.04 -3.42 0.94
C ARG C 259 -16.38 -2.94 0.41
N LYS C 260 -16.45 -1.66 0.05
CA LYS C 260 -17.65 -1.05 -0.52
C LYS C 260 -17.89 -1.58 -1.95
N PRO C 261 -19.15 -1.99 -2.28
CA PRO C 261 -19.40 -2.46 -3.67
C PRO C 261 -19.03 -1.44 -4.76
N GLY C 262 -18.62 -1.93 -5.93
CA GLY C 262 -18.38 -1.06 -7.08
C GLY C 262 -19.65 -0.50 -7.71
N PHE D 6 -28.89 -33.18 25.25
CA PHE D 6 -27.42 -33.43 25.17
C PHE D 6 -27.20 -34.81 24.58
N THR D 7 -26.39 -34.87 23.52
CA THR D 7 -25.99 -36.15 22.92
C THR D 7 -25.07 -36.96 23.84
N SER D 8 -25.49 -38.17 24.19
CA SER D 8 -24.63 -39.03 25.02
C SER D 8 -23.44 -39.54 24.21
N LYS D 9 -22.33 -39.84 24.90
CA LYS D 9 -21.14 -40.30 24.21
C LYS D 9 -21.43 -41.62 23.51
N ASP D 10 -22.40 -42.38 24.04
CA ASP D 10 -22.78 -43.64 23.42
C ASP D 10 -23.57 -43.42 22.11
N THR D 11 -24.21 -42.26 21.98
CA THR D 11 -24.89 -41.92 20.73
C THR D 11 -23.88 -41.68 19.59
N TYR D 12 -22.70 -41.16 19.94
CA TYR D 12 -21.57 -41.10 19.00
C TYR D 12 -21.28 -42.46 18.42
N LEU D 13 -21.23 -43.47 19.27
CA LEU D 13 -20.84 -44.81 18.79
C LEU D 13 -21.82 -45.33 17.71
N SER D 14 -23.11 -45.17 17.98
CA SER D 14 -24.15 -45.69 17.10
C SER D 14 -24.59 -44.77 15.95
N HIS D 15 -24.13 -43.53 15.94
CA HIS D 15 -24.64 -42.58 14.91
C HIS D 15 -23.57 -41.86 14.10
N PHE D 16 -22.38 -41.69 14.67
CA PHE D 16 -21.33 -40.91 13.99
C PHE D 16 -20.73 -41.68 12.82
N ASN D 17 -20.95 -41.16 11.59
CA ASN D 17 -20.41 -41.73 10.37
C ASN D 17 -19.18 -40.92 9.96
N PRO D 18 -17.98 -41.49 10.15
CA PRO D 18 -16.74 -40.73 9.94
C PRO D 18 -16.53 -40.25 8.51
N ARG D 19 -16.81 -41.11 7.53
CA ARG D 19 -16.64 -40.76 6.13
C ARG D 19 -17.58 -39.61 5.75
N ASP D 20 -18.81 -39.67 6.26
CA ASP D 20 -19.81 -38.62 6.02
C ASP D 20 -19.39 -37.29 6.68
N TYR D 21 -18.87 -37.36 7.91
CA TYR D 21 -18.36 -36.16 8.55
C TYR D 21 -17.26 -35.48 7.72
N LEU D 22 -16.27 -36.27 7.31
CA LEU D 22 -15.18 -35.82 6.41
C LEU D 22 -15.64 -35.18 5.09
N GLU D 23 -16.55 -35.86 4.39
CA GLU D 23 -17.10 -35.32 3.13
C GLU D 23 -17.79 -33.99 3.33
N LYS D 24 -18.57 -33.89 4.43
CA LYS D 24 -19.37 -32.70 4.71
C LYS D 24 -18.52 -31.50 5.16
N TYR D 25 -17.48 -31.76 5.94
CA TYR D 25 -16.75 -30.67 6.58
C TYR D 25 -15.35 -30.41 5.99
N TYR D 26 -14.72 -31.43 5.41
CA TYR D 26 -13.29 -31.37 5.12
C TYR D 26 -12.86 -31.71 3.67
N SER D 27 -13.81 -31.86 2.75
CA SER D 27 -13.43 -32.32 1.40
C SER D 27 -12.90 -31.17 0.58
N PHE D 28 -13.13 -29.94 1.07
CA PHE D 28 -12.48 -28.75 0.54
C PHE D 28 -12.71 -28.62 -0.98
N GLY D 29 -13.94 -28.85 -1.42
CA GLY D 29 -14.27 -28.88 -2.86
C GLY D 29 -15.12 -27.69 -3.28
N SER D 30 -16.03 -27.88 -4.25
CA SER D 30 -16.89 -26.77 -4.74
C SER D 30 -18.15 -26.51 -3.88
N ARG D 31 -18.63 -27.54 -3.23
CA ARG D 31 -19.79 -27.36 -2.39
C ARG D 31 -19.30 -27.11 -0.98
N HIS D 32 -20.23 -26.83 -0.06
CA HIS D 32 -19.87 -26.59 1.35
C HIS D 32 -18.92 -25.39 1.50
N CYS D 33 -19.21 -24.31 0.79
CA CYS D 33 -18.33 -23.14 0.83
C CYS D 33 -18.09 -22.54 2.22
N ALA D 34 -19.12 -22.52 3.08
CA ALA D 34 -18.97 -21.96 4.44
C ALA D 34 -18.01 -22.84 5.27
N GLU D 35 -18.18 -24.15 5.11
CA GLU D 35 -17.26 -25.12 5.72
C GLU D 35 -15.81 -24.93 5.22
N ASN D 36 -15.63 -24.67 3.92
CA ASN D 36 -14.30 -24.44 3.35
C ASN D 36 -13.60 -23.20 3.89
N GLU D 37 -14.36 -22.11 3.99
CA GLU D 37 -13.85 -20.87 4.52
C GLU D 37 -13.38 -21.02 5.97
N ILE D 38 -14.19 -21.69 6.80
CA ILE D 38 -13.78 -21.97 8.19
C ILE D 38 -12.49 -22.79 8.20
N LEU D 39 -12.43 -23.83 7.38
CA LEU D 39 -11.24 -24.69 7.33
C LEU D 39 -9.97 -23.88 6.97
N ARG D 40 -10.06 -23.00 5.98
CA ARG D 40 -8.92 -22.15 5.62
C ARG D 40 -8.42 -21.35 6.82
N HIS D 41 -9.35 -20.83 7.60
CA HIS D 41 -9.04 -20.00 8.73
C HIS D 41 -8.44 -20.79 9.89
N LEU D 42 -9.03 -21.95 10.17
CA LEU D 42 -8.43 -22.91 11.13
C LEU D 42 -7.01 -23.24 10.75
N LEU D 43 -6.77 -23.53 9.48
CA LEU D 43 -5.41 -23.82 9.02
C LEU D 43 -4.43 -22.66 9.20
N LYS D 44 -4.87 -21.46 8.86
CA LYS D 44 -4.05 -20.25 9.06
C LYS D 44 -3.70 -20.07 10.55
N ASN D 45 -4.71 -20.19 11.41
CA ASN D 45 -4.53 -20.04 12.87
C ASN D 45 -3.60 -21.12 13.44
N LEU D 46 -3.75 -22.35 12.94
CA LEU D 46 -2.94 -23.45 13.45
C LEU D 46 -1.51 -23.29 12.94
N PHE D 47 -1.39 -22.81 11.71
CA PHE D 47 -0.08 -22.46 11.17
C PHE D 47 0.60 -21.46 12.08
N LYS D 48 -0.10 -20.38 12.44
CA LYS D 48 0.49 -19.35 13.30
C LYS D 48 0.90 -19.89 14.67
N ILE D 49 0.06 -20.73 15.23
CA ILE D 49 0.32 -21.29 16.55
C ILE D 49 1.55 -22.21 16.52
N PHE D 50 1.59 -23.12 15.56
CA PHE D 50 2.59 -24.18 15.58
C PHE D 50 3.91 -23.83 14.86
N CYS D 51 3.89 -22.83 13.97
CA CYS D 51 5.10 -22.51 13.20
C CYS D 51 5.80 -21.20 13.54
N LEU D 52 5.11 -20.33 14.27
CA LEU D 52 5.56 -18.94 14.42
C LEU D 52 5.70 -18.46 15.88
N GLY D 53 6.27 -19.29 16.75
CA GLY D 53 6.45 -18.88 18.15
C GLY D 53 6.88 -20.00 19.10
N ALA D 54 6.47 -19.88 20.36
CA ALA D 54 6.97 -20.74 21.45
C ALA D 54 6.47 -22.20 21.48
N VAL D 55 5.40 -22.49 20.72
CA VAL D 55 4.75 -23.80 20.82
C VAL D 55 5.49 -24.90 20.04
N LYS D 56 6.29 -25.67 20.80
CA LYS D 56 7.21 -26.66 20.28
C LYS D 56 7.50 -27.70 21.37
N GLY D 57 8.11 -28.83 20.98
CA GLY D 57 8.50 -29.87 21.93
C GLY D 57 8.55 -31.25 21.33
N GLU D 58 8.48 -32.27 22.19
CA GLU D 58 8.66 -33.64 21.75
C GLU D 58 7.32 -34.35 21.57
N LEU D 59 6.44 -34.25 22.56
CA LEU D 59 5.19 -35.01 22.55
C LEU D 59 3.95 -34.14 22.58
N LEU D 60 3.11 -34.32 21.55
CA LEU D 60 1.81 -33.69 21.50
C LEU D 60 0.76 -34.81 21.56
N ILE D 61 -0.25 -34.60 22.39
CA ILE D 61 -1.39 -35.51 22.48
C ILE D 61 -2.63 -34.76 21.99
N ASP D 62 -3.25 -35.29 20.95
CA ASP D 62 -4.48 -34.71 20.40
C ASP D 62 -5.65 -35.52 20.93
N ILE D 63 -6.58 -34.81 21.57
CA ILE D 63 -7.75 -35.41 22.21
C ILE D 63 -9.03 -35.11 21.43
N GLY D 64 -9.78 -36.17 21.09
CA GLY D 64 -10.99 -35.97 20.31
C GLY D 64 -10.63 -35.63 18.86
N SER D 65 -9.65 -36.35 18.32
CA SER D 65 -9.19 -36.17 16.94
C SER D 65 -10.29 -36.43 15.91
N GLY D 66 -11.30 -37.21 16.28
CA GLY D 66 -12.21 -37.77 15.29
C GLY D 66 -11.46 -38.48 14.17
N PRO D 67 -12.02 -38.43 12.95
CA PRO D 67 -11.32 -39.05 11.83
C PRO D 67 -10.42 -38.05 11.05
N THR D 68 -10.09 -36.91 11.67
CA THR D 68 -9.39 -35.82 10.97
C THR D 68 -7.90 -35.69 11.29
N ILE D 69 -7.13 -35.22 10.30
CA ILE D 69 -5.72 -34.94 10.50
C ILE D 69 -5.32 -33.47 10.21
N TYR D 70 -6.25 -32.66 9.69
CA TYR D 70 -5.97 -31.26 9.29
C TYR D 70 -5.35 -30.51 10.47
N GLN D 71 -5.78 -30.83 11.69
CA GLN D 71 -5.31 -30.17 12.91
C GLN D 71 -3.87 -30.49 13.28
N LEU D 72 -3.26 -31.43 12.55
CA LEU D 72 -1.93 -31.92 12.89
C LEU D 72 -0.86 -31.53 11.87
N LEU D 73 -1.27 -30.89 10.78
CA LEU D 73 -0.36 -30.70 9.65
C LEU D 73 0.74 -29.71 9.99
N SER D 74 0.38 -28.55 10.56
CA SER D 74 1.41 -27.61 11.03
C SER D 74 2.08 -28.11 12.31
N ALA D 75 1.31 -28.79 13.16
CA ALA D 75 1.86 -29.28 14.43
C ALA D 75 3.05 -30.23 14.24
N CYS D 76 3.03 -31.02 13.16
CA CYS D 76 4.10 -32.01 12.94
C CYS D 76 5.44 -31.37 12.56
N GLU D 77 5.43 -30.06 12.31
CA GLU D 77 6.63 -29.31 12.06
C GLU D 77 7.37 -29.04 13.35
N SER D 78 6.64 -29.10 14.48
CA SER D 78 7.12 -28.64 15.77
C SER D 78 7.18 -29.69 16.88
N PHE D 79 6.60 -30.87 16.66
CA PHE D 79 6.53 -31.97 17.64
C PHE D 79 6.94 -33.27 16.96
N THR D 80 7.90 -33.97 17.55
CA THR D 80 8.44 -35.16 16.88
C THR D 80 7.53 -36.37 17.07
N GLU D 81 6.74 -36.36 18.13
CA GLU D 81 5.79 -37.43 18.42
C GLU D 81 4.38 -36.85 18.60
N ILE D 82 3.41 -37.44 17.90
CA ILE D 82 1.99 -37.08 18.06
C ILE D 82 1.20 -38.34 18.41
N ILE D 83 0.36 -38.24 19.45
CA ILE D 83 -0.61 -39.28 19.78
C ILE D 83 -1.98 -38.75 19.37
N VAL D 84 -2.73 -39.56 18.63
CA VAL D 84 -4.11 -39.16 18.32
C VAL D 84 -5.10 -40.02 19.11
N SER D 85 -6.22 -39.42 19.49
CA SER D 85 -7.17 -40.14 20.31
C SER D 85 -8.60 -39.68 20.13
N ASP D 86 -9.52 -40.64 20.26
CA ASP D 86 -10.94 -40.33 20.13
C ASP D 86 -11.73 -41.33 20.91
N TYR D 87 -12.95 -40.94 21.27
CA TYR D 87 -13.87 -41.85 21.96
C TYR D 87 -14.47 -42.89 21.02
N THR D 88 -14.58 -42.51 19.75
CA THR D 88 -15.44 -43.21 18.82
C THR D 88 -14.58 -44.17 17.99
N ASP D 89 -14.78 -45.50 18.19
CA ASP D 89 -13.97 -46.55 17.49
C ASP D 89 -13.88 -46.35 15.97
N GLN D 90 -15.00 -46.06 15.31
CA GLN D 90 -15.03 -45.95 13.85
C GLN D 90 -14.20 -44.76 13.35
N ASN D 91 -14.10 -43.76 14.21
CA ASN D 91 -13.30 -42.60 13.88
C ASN D 91 -11.84 -43.00 13.78
N LEU D 92 -11.39 -43.76 14.79
CA LEU D 92 -10.00 -44.25 14.82
C LEU D 92 -9.69 -45.14 13.61
N TRP D 93 -10.61 -46.04 13.24
CA TRP D 93 -10.42 -46.91 12.06
C TRP D 93 -10.30 -46.08 10.78
N GLU D 94 -11.12 -45.03 10.64
CA GLU D 94 -11.04 -44.14 9.46
C GLU D 94 -9.68 -43.47 9.36
N LEU D 95 -9.20 -42.96 10.49
CA LEU D 95 -7.89 -42.34 10.62
C LEU D 95 -6.79 -43.31 10.17
N GLN D 96 -6.93 -44.57 10.59
CA GLN D 96 -5.99 -45.66 10.27
C GLN D 96 -5.91 -45.93 8.78
N LYS D 97 -7.04 -45.84 8.10
CA LYS D 97 -7.06 -45.99 6.63
C LYS D 97 -6.12 -44.97 5.99
N TRP D 98 -6.16 -43.73 6.47
CA TRP D 98 -5.23 -42.72 5.99
C TRP D 98 -3.77 -42.93 6.46
N LEU D 99 -3.57 -43.21 7.75
CA LEU D 99 -2.22 -43.45 8.27
C LEU D 99 -1.51 -44.60 7.54
N LYS D 100 -2.26 -45.63 7.17
CA LYS D 100 -1.71 -46.84 6.53
C LYS D 100 -1.72 -46.81 4.99
N LYS D 101 -1.98 -45.63 4.43
CA LYS D 101 -2.13 -45.44 2.97
C LYS D 101 -3.01 -46.51 2.32
N GLU D 102 -4.16 -46.81 2.94
CA GLU D 102 -5.06 -47.83 2.42
C GLU D 102 -5.95 -47.31 1.31
N PRO D 103 -6.37 -48.19 0.38
CA PRO D 103 -7.34 -47.78 -0.63
C PRO D 103 -8.64 -47.36 0.04
N GLY D 104 -9.25 -46.27 -0.45
CA GLY D 104 -10.51 -45.80 0.11
C GLY D 104 -10.32 -44.89 1.30
N ALA D 105 -9.05 -44.56 1.61
CA ALA D 105 -8.74 -43.54 2.61
C ALA D 105 -9.23 -42.18 2.10
N PHE D 106 -9.66 -41.32 3.04
CA PHE D 106 -10.11 -39.99 2.66
C PHE D 106 -8.99 -39.19 1.99
N ASP D 107 -9.34 -38.39 1.00
CA ASP D 107 -8.38 -37.58 0.28
C ASP D 107 -8.16 -36.20 0.92
N TRP D 108 -7.00 -36.06 1.57
CA TRP D 108 -6.63 -34.83 2.29
C TRP D 108 -5.79 -33.90 1.42
N SER D 109 -5.53 -34.30 0.17
CA SER D 109 -4.62 -33.54 -0.71
C SER D 109 -4.93 -32.05 -0.77
N PRO D 110 -6.21 -31.67 -1.04
CA PRO D 110 -6.50 -30.24 -1.13
C PRO D 110 -6.14 -29.49 0.16
N VAL D 111 -6.45 -30.10 1.29
CA VAL D 111 -6.08 -29.52 2.59
C VAL D 111 -4.55 -29.46 2.80
N VAL D 112 -3.85 -30.55 2.50
CA VAL D 112 -2.39 -30.60 2.66
C VAL D 112 -1.68 -29.54 1.82
N THR D 113 -2.11 -29.36 0.58
CA THR D 113 -1.54 -28.33 -0.30
C THR D 113 -1.69 -26.92 0.28
N TYR D 114 -2.87 -26.64 0.85
CA TYR D 114 -3.12 -25.36 1.48
C TYR D 114 -2.12 -25.04 2.60
N VAL D 115 -1.94 -26.00 3.50
CA VAL D 115 -0.98 -25.88 4.59
C VAL D 115 0.44 -25.75 4.04
N CYS D 116 0.83 -26.59 3.09
CA CYS D 116 2.16 -26.48 2.44
C CYS D 116 2.46 -25.06 1.91
N ASP D 117 1.46 -24.49 1.23
CA ASP D 117 1.43 -23.08 0.80
C ASP D 117 1.50 -22.05 1.95
N LEU D 118 0.73 -22.28 3.01
CA LEU D 118 0.81 -21.44 4.22
C LEU D 118 2.24 -21.40 4.76
N GLU D 119 2.92 -22.55 4.72
CA GLU D 119 4.26 -22.67 5.30
C GLU D 119 5.37 -22.18 4.35
N GLY D 120 4.99 -21.62 3.22
CA GLY D 120 5.95 -21.02 2.29
C GLY D 120 6.60 -22.05 1.39
N ASN D 121 5.83 -23.08 1.06
CA ASN D 121 6.22 -24.12 0.11
C ASN D 121 7.63 -24.68 0.29
N ARG D 122 8.04 -24.85 1.56
CA ARG D 122 9.28 -25.58 1.88
C ARG D 122 9.11 -27.06 1.49
N MET D 123 7.87 -27.49 1.28
CA MET D 123 7.58 -28.86 0.85
C MET D 123 6.36 -29.04 -0.06
N LYS D 124 6.23 -30.26 -0.56
CA LYS D 124 5.07 -30.66 -1.35
C LYS D 124 4.20 -31.57 -0.50
N GLY D 125 2.95 -31.75 -0.94
CA GLY D 125 1.99 -32.63 -0.30
C GLY D 125 2.50 -33.97 0.21
N PRO D 126 2.93 -34.88 -0.70
CA PRO D 126 3.52 -36.19 -0.36
C PRO D 126 4.57 -36.14 0.75
N GLU D 127 5.40 -35.11 0.71
CA GLU D 127 6.45 -34.89 1.69
C GLU D 127 5.86 -34.52 3.07
N LYS D 128 4.83 -33.69 3.06
CA LYS D 128 4.12 -33.31 4.27
C LYS D 128 3.35 -34.50 4.88
N GLU D 129 2.61 -35.21 4.05
CA GLU D 129 1.84 -36.38 4.46
C GLU D 129 2.71 -37.44 5.11
N GLU D 130 3.91 -37.64 4.57
CA GLU D 130 4.78 -38.65 5.09
C GLU D 130 5.35 -38.23 6.42
N LYS D 131 5.72 -36.96 6.55
CA LYS D 131 6.16 -36.37 7.82
C LYS D 131 5.11 -36.55 8.94
N LEU D 132 3.85 -36.28 8.62
CA LEU D 132 2.79 -36.48 9.60
C LEU D 132 2.67 -37.96 9.98
N ARG D 133 2.57 -38.82 8.97
CA ARG D 133 2.55 -40.27 9.17
C ARG D 133 3.67 -40.76 10.08
N ARG D 134 4.91 -40.31 9.86
CA ARG D 134 6.03 -40.72 10.75
C ARG D 134 5.88 -40.22 12.18
N ALA D 135 5.27 -39.05 12.34
CA ALA D 135 5.10 -38.42 13.66
C ALA D 135 4.07 -39.13 14.51
N ILE D 136 3.05 -39.69 13.86
CA ILE D 136 1.93 -40.32 14.56
C ILE D 136 2.32 -41.72 15.02
N LYS D 137 2.57 -41.85 16.32
CA LYS D 137 3.06 -43.08 16.92
C LYS D 137 1.96 -43.98 17.47
N GLN D 138 0.88 -43.38 17.96
CA GLN D 138 -0.18 -44.15 18.60
C GLN D 138 -1.54 -43.63 18.23
N VAL D 139 -2.50 -44.54 18.14
CA VAL D 139 -3.87 -44.20 17.87
C VAL D 139 -4.73 -44.83 18.96
N LEU D 140 -5.16 -44.01 19.92
CA LEU D 140 -5.76 -44.51 21.16
C LEU D 140 -7.21 -44.11 21.43
N LYS D 141 -7.91 -44.96 22.17
CA LYS D 141 -9.20 -44.63 22.81
C LYS D 141 -9.03 -43.56 23.89
N CYS D 142 -9.93 -42.58 23.92
CA CYS D 142 -9.96 -41.57 24.97
C CYS D 142 -11.40 -41.22 25.36
N ASP D 143 -11.54 -40.73 26.57
CA ASP D 143 -12.80 -40.24 27.03
C ASP D 143 -12.47 -39.05 27.91
N VAL D 144 -12.73 -37.85 27.39
CA VAL D 144 -12.38 -36.59 28.10
C VAL D 144 -13.13 -36.41 29.43
N THR D 145 -14.18 -37.22 29.65
CA THR D 145 -14.99 -37.10 30.88
C THR D 145 -14.39 -37.88 32.04
N GLN D 146 -13.33 -38.62 31.76
CA GLN D 146 -12.70 -39.50 32.76
C GLN D 146 -11.48 -38.80 33.32
N SER D 147 -11.20 -38.99 34.60
CA SER D 147 -10.07 -38.30 35.22
C SER D 147 -8.74 -38.79 34.68
N GLN D 148 -8.74 -39.99 34.12
CA GLN D 148 -7.65 -40.50 33.29
C GLN D 148 -8.22 -40.73 31.89
N PRO D 149 -8.15 -39.68 31.03
CA PRO D 149 -8.80 -39.71 29.71
C PRO D 149 -8.32 -40.78 28.73
N LEU D 150 -7.06 -41.15 28.81
CA LEU D 150 -6.55 -42.27 28.00
C LEU D 150 -6.66 -43.68 28.70
N GLY D 151 -7.47 -43.79 29.74
CA GLY D 151 -7.64 -45.07 30.43
C GLY D 151 -6.48 -45.47 31.33
N GLY D 152 -5.60 -44.53 31.64
CA GLY D 152 -4.49 -44.77 32.56
C GLY D 152 -3.21 -45.40 32.00
N VAL D 153 -3.11 -45.44 30.66
CA VAL D 153 -1.91 -45.93 29.97
C VAL D 153 -0.68 -45.14 30.42
N SER D 154 0.46 -45.82 30.53
CA SER D 154 1.70 -45.17 30.91
C SER D 154 2.28 -44.42 29.74
N LEU D 155 2.18 -43.09 29.84
CA LEU D 155 2.79 -42.20 28.87
C LEU D 155 3.60 -41.12 29.56
N PRO D 156 4.61 -40.59 28.86
CA PRO D 156 5.35 -39.42 29.35
C PRO D 156 4.39 -38.23 29.37
N PRO D 157 4.61 -37.30 30.31
CA PRO D 157 3.90 -36.03 30.26
C PRO D 157 4.05 -35.38 28.88
N ALA D 158 2.95 -34.86 28.33
CA ALA D 158 2.99 -34.22 27.01
C ALA D 158 3.58 -32.82 27.10
N ASP D 159 4.25 -32.38 26.05
CA ASP D 159 4.69 -30.99 25.95
C ASP D 159 3.52 -30.10 25.48
N CYS D 160 2.59 -30.72 24.76
CA CYS D 160 1.41 -29.99 24.27
C CYS D 160 0.19 -30.89 24.24
N LEU D 161 -0.94 -30.36 24.68
CA LEU D 161 -2.23 -31.02 24.54
C LEU D 161 -3.10 -30.19 23.59
N LEU D 162 -3.51 -30.82 22.49
CA LEU D 162 -4.35 -30.20 21.46
C LEU D 162 -5.74 -30.80 21.51
N SER D 163 -6.78 -29.97 21.31
CA SER D 163 -8.12 -30.51 21.12
C SER D 163 -8.87 -29.54 20.24
N THR D 164 -9.32 -30.05 19.09
CA THR D 164 -10.06 -29.24 18.13
C THR D 164 -11.49 -29.77 17.98
N LEU D 165 -12.45 -28.87 18.21
CA LEU D 165 -13.89 -29.13 18.01
C LEU D 165 -14.42 -30.34 18.79
N CYS D 166 -13.91 -30.54 20.01
CA CYS D 166 -14.27 -31.70 20.81
C CYS D 166 -15.02 -31.33 22.10
N LEU D 167 -14.47 -30.38 22.86
CA LEU D 167 -14.98 -30.16 24.22
C LEU D 167 -16.42 -29.67 24.27
N ASP D 168 -16.77 -28.72 23.40
CA ASP D 168 -18.13 -28.23 23.31
C ASP D 168 -19.12 -29.33 22.97
N ALA D 169 -18.72 -30.26 22.10
CA ALA D 169 -19.54 -31.43 21.76
C ALA D 169 -19.65 -32.36 22.95
N ALA D 170 -18.53 -32.58 23.64
CA ALA D 170 -18.44 -33.58 24.70
C ALA D 170 -19.07 -33.20 26.06
N CYS D 171 -19.48 -31.94 26.21
CA CYS D 171 -19.90 -31.40 27.52
C CYS D 171 -21.32 -30.83 27.55
N PRO D 172 -22.20 -31.29 28.48
CA PRO D 172 -23.58 -30.72 28.55
C PRO D 172 -23.69 -29.32 29.13
N ASP D 173 -22.67 -28.91 29.89
CA ASP D 173 -22.72 -27.65 30.64
C ASP D 173 -21.36 -27.17 31.08
N LEU D 174 -21.34 -26.02 31.71
CA LEU D 174 -20.07 -25.40 32.01
C LEU D 174 -19.35 -26.17 33.13
N PRO D 175 -20.08 -26.65 34.17
CA PRO D 175 -19.31 -27.52 35.12
C PRO D 175 -18.64 -28.71 34.41
N ALA D 176 -19.32 -29.33 33.45
CA ALA D 176 -18.74 -30.46 32.73
C ALA D 176 -17.53 -30.04 31.89
N TYR D 177 -17.60 -28.83 31.34
CA TYR D 177 -16.52 -28.24 30.54
C TYR D 177 -15.30 -28.03 31.44
N ARG D 178 -15.50 -27.45 32.62
CA ARG D 178 -14.38 -27.32 33.59
C ARG D 178 -13.73 -28.65 33.97
N THR D 179 -14.52 -29.71 34.13
CA THR D 179 -14.01 -31.01 34.57
C THR D 179 -13.16 -31.61 33.45
N ALA D 180 -13.66 -31.51 32.21
CA ALA D 180 -12.91 -31.96 31.03
C ALA D 180 -11.55 -31.26 30.91
N LEU D 181 -11.54 -29.94 31.16
CA LEU D 181 -10.30 -29.17 31.09
C LEU D 181 -9.30 -29.71 32.10
N ARG D 182 -9.79 -29.97 33.30
CA ARG D 182 -8.96 -30.49 34.39
C ARG D 182 -8.41 -31.86 34.02
N ASN D 183 -9.29 -32.68 33.47
CA ASN D 183 -8.97 -34.06 33.09
C ASN D 183 -7.86 -34.06 32.04
N LEU D 184 -8.00 -33.19 31.03
CA LEU D 184 -6.94 -32.99 30.01
C LEU D 184 -5.62 -32.55 30.61
N GLY D 185 -5.70 -31.65 31.60
CA GLY D 185 -4.53 -31.17 32.34
C GLY D 185 -3.66 -32.26 32.94
N SER D 186 -4.26 -33.40 33.27
CA SER D 186 -3.54 -34.54 33.86
C SER D 186 -2.49 -35.15 32.92
N LEU D 187 -2.65 -34.92 31.62
CA LEU D 187 -1.79 -35.47 30.57
C LEU D 187 -0.66 -34.53 30.20
N LEU D 188 -0.70 -33.34 30.76
CA LEU D 188 0.20 -32.28 30.30
C LEU D 188 1.28 -31.90 31.33
N LYS D 189 2.51 -31.74 30.87
CA LYS D 189 3.64 -31.41 31.77
C LYS D 189 3.47 -30.00 32.35
N PRO D 190 3.99 -29.77 33.57
CA PRO D 190 4.08 -28.39 34.09
C PRO D 190 4.85 -27.55 33.08
N GLY D 191 4.35 -26.36 32.74
CA GLY D 191 5.03 -25.49 31.76
C GLY D 191 4.66 -25.77 30.30
N GLY D 192 3.82 -26.79 30.10
CA GLY D 192 3.45 -27.22 28.77
C GLY D 192 2.36 -26.34 28.19
N PHE D 193 1.94 -26.67 26.98
CA PHE D 193 0.98 -25.84 26.25
C PHE D 193 -0.35 -26.56 26.00
N LEU D 194 -1.44 -25.82 26.18
CA LEU D 194 -2.78 -26.28 25.81
C LEU D 194 -3.12 -25.51 24.56
N VAL D 195 -3.39 -26.22 23.46
CA VAL D 195 -3.87 -25.56 22.23
C VAL D 195 -5.32 -26.03 21.97
N MET D 196 -6.26 -25.10 21.98
CA MET D 196 -7.66 -25.49 21.82
C MET D 196 -8.30 -24.72 20.67
N VAL D 197 -9.15 -25.42 19.91
CA VAL D 197 -9.98 -24.78 18.88
C VAL D 197 -11.39 -25.30 19.11
N ASP D 198 -12.42 -24.45 19.03
CA ASP D 198 -13.80 -24.91 19.12
C ASP D 198 -14.80 -23.90 18.49
N ALA D 199 -16.01 -24.37 18.20
CA ALA D 199 -17.10 -23.49 17.76
C ALA D 199 -17.48 -22.52 18.89
N LEU D 200 -17.88 -21.30 18.53
CA LEU D 200 -18.49 -20.39 19.50
C LEU D 200 -20.01 -20.35 19.36
N LYS D 201 -20.72 -20.43 20.50
CA LYS D 201 -22.19 -20.21 20.57
C LYS D 201 -22.97 -21.17 19.65
N SER D 202 -22.41 -22.36 19.42
CA SER D 202 -23.13 -23.42 18.70
C SER D 202 -23.83 -24.35 19.67
N SER D 203 -25.09 -24.69 19.39
CA SER D 203 -25.82 -25.65 20.23
C SER D 203 -26.00 -26.99 19.48
N TYR D 204 -25.60 -27.02 18.21
CA TYR D 204 -25.54 -28.28 17.49
C TYR D 204 -24.72 -28.20 16.21
N TYR D 205 -24.37 -29.38 15.69
CA TYR D 205 -23.84 -29.50 14.34
C TYR D 205 -24.45 -30.76 13.71
N MET D 206 -24.49 -30.78 12.37
CA MET D 206 -25.24 -31.81 11.67
C MET D 206 -24.22 -32.61 10.87
N ILE D 207 -24.48 -33.90 10.77
CA ILE D 207 -23.77 -34.70 9.75
C ILE D 207 -24.89 -35.29 8.87
N GLY D 208 -25.14 -34.63 7.73
CA GLY D 208 -26.37 -34.92 6.97
C GLY D 208 -27.59 -34.72 7.88
N GLU D 209 -28.34 -35.78 8.14
CA GLU D 209 -29.55 -35.67 8.98
C GLU D 209 -29.31 -35.96 10.46
N GLN D 210 -28.07 -36.30 10.82
CA GLN D 210 -27.75 -36.64 12.21
C GLN D 210 -27.35 -35.36 12.92
N LYS D 211 -28.03 -35.10 14.01
CA LYS D 211 -27.81 -33.90 14.81
C LYS D 211 -27.04 -34.26 16.07
N PHE D 212 -25.98 -33.52 16.32
CA PHE D 212 -25.13 -33.71 17.48
C PHE D 212 -25.11 -32.42 18.26
N SER D 213 -25.26 -32.54 19.58
CA SER D 213 -25.34 -31.37 20.46
C SER D 213 -23.99 -30.70 20.63
N SER D 214 -24.05 -29.42 20.98
CA SER D 214 -22.88 -28.60 21.27
C SER D 214 -23.25 -27.62 22.38
N LEU D 215 -22.25 -27.34 23.21
CA LEU D 215 -22.36 -26.39 24.32
C LEU D 215 -22.09 -24.98 23.79
N PRO D 216 -23.11 -24.06 23.79
CA PRO D 216 -22.95 -22.74 23.16
C PRO D 216 -22.18 -21.67 23.91
N LEU D 217 -20.88 -21.86 24.15
CA LEU D 217 -20.09 -20.87 24.89
C LEU D 217 -19.63 -19.70 24.00
N GLY D 218 -19.69 -18.50 24.55
CA GLY D 218 -19.05 -17.35 23.94
C GLY D 218 -17.59 -17.26 24.33
N TRP D 219 -16.84 -16.42 23.62
CA TRP D 219 -15.37 -16.48 23.77
C TRP D 219 -14.89 -16.06 25.15
N GLU D 220 -15.60 -15.10 25.78
CA GLU D 220 -15.26 -14.60 27.14
C GLU D 220 -15.39 -15.73 28.16
N THR D 221 -16.38 -16.59 27.95
CA THR D 221 -16.64 -17.72 28.87
C THR D 221 -15.56 -18.78 28.73
N VAL D 222 -15.14 -19.02 27.49
CA VAL D 222 -14.02 -19.94 27.25
C VAL D 222 -12.74 -19.41 27.91
N ARG D 223 -12.42 -18.15 27.63
CA ARG D 223 -11.30 -17.47 28.25
C ARG D 223 -11.34 -17.66 29.78
N ASP D 224 -12.48 -17.36 30.40
CA ASP D 224 -12.59 -17.42 31.87
C ASP D 224 -12.33 -18.83 32.37
N ALA D 225 -12.92 -19.81 31.69
CA ALA D 225 -12.83 -21.22 32.11
C ALA D 225 -11.40 -21.72 31.99
N VAL D 226 -10.70 -21.36 30.91
CA VAL D 226 -9.32 -21.76 30.74
C VAL D 226 -8.41 -21.09 31.78
N GLU D 227 -8.65 -19.81 32.04
CA GLU D 227 -7.83 -19.09 33.02
C GLU D 227 -8.09 -19.65 34.42
N GLU D 228 -9.36 -19.95 34.73
CA GLU D 228 -9.76 -20.44 36.05
C GLU D 228 -9.20 -21.84 36.34
N ALA D 229 -8.81 -22.54 35.29
CA ALA D 229 -8.11 -23.83 35.38
C ALA D 229 -6.60 -23.69 35.51
N GLY D 230 -6.11 -22.45 35.54
CA GLY D 230 -4.69 -22.21 35.83
C GLY D 230 -3.82 -21.71 34.69
N TYR D 231 -4.32 -21.84 33.47
CA TYR D 231 -3.54 -21.46 32.30
C TYR D 231 -3.35 -19.97 32.17
N THR D 232 -2.15 -19.60 31.76
CA THR D 232 -1.90 -18.27 31.26
C THR D 232 -2.19 -18.29 29.75
N ILE D 233 -3.21 -17.54 29.34
CA ILE D 233 -3.55 -17.49 27.93
C ILE D 233 -2.53 -16.63 27.19
N GLU D 234 -1.77 -17.29 26.34
CA GLU D 234 -0.73 -16.63 25.55
C GLU D 234 -1.26 -16.07 24.24
N GLN D 235 -2.17 -16.81 23.62
CA GLN D 235 -2.79 -16.41 22.36
C GLN D 235 -4.28 -16.71 22.42
N PHE D 236 -5.11 -15.84 21.83
CA PHE D 236 -6.52 -16.10 21.75
C PHE D 236 -6.99 -15.36 20.53
N GLU D 237 -7.59 -16.08 19.59
CA GLU D 237 -8.09 -15.48 18.35
C GLU D 237 -9.51 -15.95 18.09
N VAL D 238 -10.33 -15.03 17.57
CA VAL D 238 -11.69 -15.38 17.18
C VAL D 238 -11.70 -15.47 15.67
N ILE D 239 -12.31 -16.54 15.17
CA ILE D 239 -12.58 -16.73 13.74
C ILE D 239 -14.04 -16.32 13.49
N SER D 240 -14.26 -15.27 12.69
CA SER D 240 -15.59 -14.63 12.55
C SER D 240 -16.61 -15.35 11.61
N GLN D 241 -16.12 -16.37 10.91
CA GLN D 241 -16.92 -17.14 9.94
C GLN D 241 -17.95 -18.10 10.58
N ASN D 242 -19.12 -18.26 9.95
CA ASN D 242 -20.18 -19.17 10.41
C ASN D 242 -20.25 -20.35 9.45
N TYR D 243 -20.56 -21.53 9.99
CA TYR D 243 -20.91 -22.69 9.17
C TYR D 243 -22.20 -22.40 8.44
N SER D 244 -22.49 -23.24 7.45
CA SER D 244 -23.73 -23.14 6.68
C SER D 244 -24.84 -23.31 7.71
N SER D 245 -25.97 -22.59 7.52
CA SER D 245 -27.13 -22.73 8.42
C SER D 245 -27.66 -24.17 8.55
N THR D 246 -27.56 -24.94 7.48
CA THR D 246 -27.94 -26.37 7.56
C THR D 246 -26.88 -27.26 8.24
N THR D 247 -25.73 -26.66 8.53
CA THR D 247 -24.64 -27.39 9.19
C THR D 247 -24.57 -27.17 10.71
N SER D 248 -24.53 -25.92 11.14
CA SER D 248 -24.36 -25.62 12.56
C SER D 248 -24.78 -24.18 12.81
N ASN D 249 -25.30 -23.91 13.99
CA ASN D 249 -25.75 -22.53 14.33
C ASN D 249 -24.71 -21.71 15.13
N ASN D 250 -23.43 -21.97 14.87
CA ASN D 250 -22.34 -21.24 15.55
C ASN D 250 -22.30 -19.75 15.24
N GLU D 251 -21.64 -18.99 16.13
CA GLU D 251 -21.22 -17.63 15.80
C GLU D 251 -19.71 -17.60 15.83
N GLY D 252 -19.08 -17.94 14.70
CA GLY D 252 -17.62 -18.04 14.58
C GLY D 252 -17.02 -19.21 15.38
N LEU D 253 -15.70 -19.17 15.55
CA LEU D 253 -14.93 -20.18 16.32
C LEU D 253 -13.80 -19.46 17.04
N PHE D 254 -13.11 -20.17 17.93
CA PHE D 254 -11.86 -19.62 18.53
C PHE D 254 -10.68 -20.57 18.36
N SER D 255 -9.47 -20.00 18.41
CA SER D 255 -8.27 -20.79 18.73
C SER D 255 -7.55 -20.13 19.90
N LEU D 256 -6.93 -20.92 20.78
CA LEU D 256 -6.19 -20.32 21.88
C LEU D 256 -4.95 -21.14 22.21
N VAL D 257 -3.97 -20.49 22.83
CA VAL D 257 -2.84 -21.20 23.40
C VAL D 257 -2.80 -20.82 24.88
N GLY D 258 -2.76 -21.81 25.76
CA GLY D 258 -2.62 -21.59 27.20
C GLY D 258 -1.35 -22.27 27.68
N ARG D 259 -0.69 -21.64 28.66
CA ARG D 259 0.52 -22.19 29.26
C ARG D 259 0.20 -22.67 30.68
N LYS D 260 0.49 -23.93 30.97
CA LYS D 260 0.21 -24.54 32.27
C LYS D 260 1.22 -24.04 33.30
N PRO D 261 0.78 -23.77 34.55
CA PRO D 261 1.77 -23.22 35.51
C PRO D 261 2.90 -24.23 35.82
N GLY D 262 4.09 -23.71 36.17
CA GLY D 262 5.30 -24.55 36.31
C GLY D 262 5.37 -25.44 37.55
N ARG D 263 4.30 -25.44 38.35
N ARG D 263 4.32 -25.41 38.36
CA ARG D 263 4.28 -26.08 39.68
CA ARG D 263 4.33 -26.14 39.62
C ARG D 263 3.90 -27.56 39.64
C ARG D 263 4.22 -27.63 39.35
N SER D 264 4.69 -28.42 40.31
CA SER D 264 4.43 -29.86 40.32
C SER D 264 3.02 -30.13 40.85
#